data_1O61
#
_entry.id   1O61
#
_cell.length_a   152.298
_cell.length_b   152.298
_cell.length_c   77.328
_cell.angle_alpha   90.00
_cell.angle_beta   90.00
_cell.angle_gamma   120.00
#
_symmetry.space_group_name_H-M   'P 65'
#
loop_
_entity.id
_entity.type
_entity.pdbx_description
1 polymer aminotransferase
2 non-polymer 'ACETATE ION'
3 non-polymer "PYRIDOXAL-5'-PHOSPHATE"
4 water water
#
_entity_poly.entity_id   1
_entity_poly.type   'polypeptide(L)'
_entity_poly.pdbx_seq_one_letter_code
;MRFFLSPPHMGGNELKYIEEVFKSNYIAPLGEFVNRFEQSVKDYSKSENALALNSATAALHLALRVAGVKQDDIVLASSF
TFIASVAPICYLKAKPVFIDCDETYNIDVDLLKLAIKECEKKPKALILTHLYGNAAKMDEIVEICKENDIVLIEDAAEAL
GSFYKNKALGTFGEFGVYSYNGNKIITTSGGGMLIGKNKEKIEKARFYSTQARENCLHYEHLDYGYNYRLSNVLGAIGVA
QMEVLEQRVLKKREIYEWYKEFLGEYFSFLDELENSRSNRWLSTALINFDKNELNACQKDINISQKNITLHPKISKLIED
LKNKQIETRPLWKAMHTQEVFKGAKAYLNGNSELFFQKGICLPSGTAMSKDDVYEISKLILKSIKAGSHHHHHH
;
_entity_poly.pdbx_strand_id   A,B
#
# COMPACT_ATOMS: atom_id res chain seq x y z
N GLY A 12 -22.36 -11.93 -6.21
CA GLY A 12 -23.12 -10.80 -5.62
C GLY A 12 -23.29 -9.65 -6.60
N ASN A 13 -23.27 -8.43 -6.08
CA ASN A 13 -23.43 -7.25 -6.92
C ASN A 13 -22.11 -6.61 -7.33
N GLU A 14 -21.01 -7.36 -7.18
CA GLU A 14 -19.70 -6.84 -7.52
C GLU A 14 -19.67 -6.18 -8.90
N LEU A 15 -20.05 -6.93 -9.93
CA LEU A 15 -20.06 -6.40 -11.30
C LEU A 15 -21.00 -5.22 -11.46
N LYS A 16 -22.17 -5.30 -10.84
CA LYS A 16 -23.14 -4.21 -10.92
C LYS A 16 -22.55 -2.90 -10.37
N TYR A 17 -21.95 -2.98 -9.20
CA TYR A 17 -21.37 -1.81 -8.57
C TYR A 17 -20.15 -1.27 -9.32
N ILE A 18 -19.30 -2.16 -9.80
CA ILE A 18 -18.13 -1.73 -10.56
C ILE A 18 -18.58 -0.99 -11.82
N GLU A 19 -19.63 -1.50 -12.46
CA GLU A 19 -20.15 -0.85 -13.67
C GLU A 19 -20.63 0.54 -13.29
N GLU A 20 -21.28 0.64 -12.13
CA GLU A 20 -21.79 1.92 -11.65
C GLU A 20 -20.63 2.90 -11.42
N VAL A 21 -19.52 2.39 -10.88
CA VAL A 21 -18.37 3.25 -10.63
C VAL A 21 -17.87 3.88 -11.92
N PHE A 22 -17.65 3.07 -12.95
CA PHE A 22 -17.16 3.59 -14.22
C PHE A 22 -18.16 4.48 -14.93
N LYS A 23 -19.44 4.12 -14.84
CA LYS A 23 -20.49 4.88 -15.51
C LYS A 23 -20.75 6.26 -14.91
N SER A 24 -20.67 6.38 -13.59
CA SER A 24 -20.96 7.65 -12.93
C SER A 24 -19.75 8.44 -12.43
N ASN A 25 -18.55 7.95 -12.72
CA ASN A 25 -17.35 8.64 -12.27
C ASN A 25 -17.31 10.11 -12.65
N TYR A 26 -17.74 10.41 -13.86
CA TYR A 26 -17.73 11.78 -14.38
C TYR A 26 -18.66 12.76 -13.67
N ILE A 27 -19.64 12.23 -12.93
CA ILE A 27 -20.64 13.10 -12.30
C ILE A 27 -20.93 12.92 -10.81
N ALA A 28 -20.68 11.73 -10.27
CA ALA A 28 -20.98 11.45 -8.87
C ALA A 28 -20.01 12.00 -7.84
N PRO A 29 -20.42 11.98 -6.56
CA PRO A 29 -19.58 12.48 -5.46
C PRO A 29 -18.30 11.66 -5.41
N LEU A 30 -17.23 12.26 -4.88
CA LEU A 30 -15.95 11.58 -4.78
C LEU A 30 -15.99 10.40 -3.81
N GLY A 31 -15.38 9.29 -4.23
CA GLY A 31 -15.30 8.10 -3.39
C GLY A 31 -16.60 7.52 -2.86
N GLU A 32 -17.66 7.65 -3.66
CA GLU A 32 -18.97 7.15 -3.29
C GLU A 32 -18.98 5.73 -2.70
N PHE A 33 -18.37 4.77 -3.39
CA PHE A 33 -18.38 3.41 -2.88
C PHE A 33 -17.43 3.17 -1.70
N VAL A 34 -16.42 4.02 -1.58
CA VAL A 34 -15.50 3.89 -0.45
C VAL A 34 -16.33 4.31 0.77
N ASN A 35 -17.10 5.39 0.63
CA ASN A 35 -17.95 5.87 1.72
C ASN A 35 -18.96 4.81 2.12
N ARG A 36 -19.61 4.20 1.13
CA ARG A 36 -20.60 3.17 1.41
C ARG A 36 -19.98 1.95 2.08
N PHE A 37 -18.75 1.62 1.68
CA PHE A 37 -18.06 0.47 2.26
C PHE A 37 -17.80 0.71 3.74
N GLU A 38 -17.30 1.90 4.08
CA GLU A 38 -17.03 2.22 5.47
C GLU A 38 -18.32 2.19 6.29
N GLN A 39 -19.39 2.73 5.73
CA GLN A 39 -20.67 2.75 6.44
C GLN A 39 -21.21 1.35 6.69
N SER A 40 -21.05 0.46 5.73
CA SER A 40 -21.53 -0.90 5.88
C SER A 40 -20.79 -1.62 7.01
N VAL A 41 -19.50 -1.31 7.16
CA VAL A 41 -18.72 -1.92 8.23
C VAL A 41 -19.13 -1.33 9.58
N LYS A 42 -19.42 -0.03 9.58
CA LYS A 42 -19.86 0.64 10.80
C LYS A 42 -21.20 0.05 11.24
N ASP A 43 -22.10 -0.15 10.28
CA ASP A 43 -23.40 -0.70 10.60
C ASP A 43 -23.29 -2.12 11.16
N TYR A 44 -22.38 -2.91 10.60
CA TYR A 44 -22.20 -4.28 11.04
C TYR A 44 -21.48 -4.43 12.39
N SER A 45 -20.34 -3.76 12.53
CA SER A 45 -19.53 -3.83 13.73
C SER A 45 -19.98 -2.92 14.85
N LYS A 46 -20.73 -1.89 14.48
CA LYS A 46 -21.24 -0.90 15.43
C LYS A 46 -20.13 0.07 15.86
N SER A 47 -19.03 0.08 15.12
CA SER A 47 -17.95 1.01 15.43
C SER A 47 -18.37 2.38 14.93
N GLU A 48 -17.94 3.44 15.60
CA GLU A 48 -18.31 4.78 15.19
C GLU A 48 -17.40 5.39 14.11
N ASN A 49 -16.24 4.77 13.90
CA ASN A 49 -15.30 5.30 12.91
C ASN A 49 -14.72 4.19 12.04
N ALA A 50 -14.67 4.41 10.72
CA ALA A 50 -14.13 3.41 9.80
C ALA A 50 -13.36 4.10 8.68
N LEU A 51 -12.21 3.51 8.32
CA LEU A 51 -11.34 4.05 7.28
C LEU A 51 -10.90 2.94 6.33
N ALA A 52 -11.35 3.01 5.07
CA ALA A 52 -11.03 2.01 4.06
C ALA A 52 -9.64 2.24 3.47
N LEU A 53 -8.80 1.23 3.57
CA LEU A 53 -7.42 1.28 3.11
C LEU A 53 -7.05 0.14 2.16
N ASN A 54 -5.85 0.21 1.60
CA ASN A 54 -5.38 -0.81 0.65
C ASN A 54 -5.16 -2.19 1.23
N SER A 55 -4.93 -2.28 2.53
CA SER A 55 -4.70 -3.59 3.13
C SER A 55 -4.84 -3.51 4.64
N ALA A 56 -4.90 -4.67 5.29
CA ALA A 56 -4.98 -4.71 6.74
C ALA A 56 -3.61 -4.36 7.29
N THR A 57 -2.56 -4.69 6.55
CA THR A 57 -1.21 -4.35 6.99
C THR A 57 -1.09 -2.83 7.07
N ALA A 58 -1.60 -2.14 6.06
CA ALA A 58 -1.56 -0.68 6.04
C ALA A 58 -2.40 -0.12 7.19
N ALA A 59 -3.52 -0.76 7.48
CA ALA A 59 -4.40 -0.30 8.57
C ALA A 59 -3.65 -0.40 9.90
N LEU A 60 -2.95 -1.52 10.11
CA LEU A 60 -2.19 -1.73 11.34
C LEU A 60 -1.06 -0.72 11.46
N HIS A 61 -0.41 -0.44 10.33
CA HIS A 61 0.70 0.52 10.29
C HIS A 61 0.20 1.90 10.73
N LEU A 62 -0.92 2.34 10.18
CA LEU A 62 -1.48 3.63 10.56
C LEU A 62 -1.92 3.63 12.04
N ALA A 63 -2.51 2.53 12.48
CA ALA A 63 -2.96 2.43 13.87
C ALA A 63 -1.78 2.61 14.81
N LEU A 64 -0.68 1.93 14.54
CA LEU A 64 0.51 2.05 15.39
C LEU A 64 1.06 3.47 15.37
N ARG A 65 1.08 4.10 14.20
CA ARG A 65 1.62 5.46 14.14
C ARG A 65 0.75 6.48 14.86
N VAL A 66 -0.55 6.44 14.65
CA VAL A 66 -1.43 7.40 15.33
C VAL A 66 -1.51 7.11 16.82
N ALA A 67 -1.17 5.89 17.21
CA ALA A 67 -1.18 5.51 18.62
C ALA A 67 0.07 6.07 19.32
N GLY A 68 1.02 6.55 18.53
CA GLY A 68 2.23 7.14 19.11
C GLY A 68 3.43 6.23 19.21
N VAL A 69 3.41 5.10 18.50
CA VAL A 69 4.55 4.18 18.54
C VAL A 69 5.73 4.77 17.78
N LYS A 70 6.90 4.77 18.42
CA LYS A 70 8.11 5.31 17.81
C LYS A 70 9.22 4.27 17.77
N GLN A 71 10.32 4.62 17.12
CA GLN A 71 11.47 3.72 17.04
C GLN A 71 11.91 3.32 18.44
N ASP A 72 12.19 2.04 18.61
CA ASP A 72 12.63 1.46 19.88
C ASP A 72 11.55 1.27 20.95
N ASP A 73 10.30 1.60 20.62
CA ASP A 73 9.21 1.40 21.58
C ASP A 73 8.92 -0.10 21.58
N ILE A 74 8.31 -0.60 22.65
CA ILE A 74 7.99 -2.01 22.74
C ILE A 74 6.54 -2.28 22.37
N VAL A 75 6.32 -3.26 21.50
CA VAL A 75 4.98 -3.64 21.08
C VAL A 75 4.77 -5.15 21.25
N LEU A 76 3.78 -5.52 22.06
CA LEU A 76 3.46 -6.92 22.31
C LEU A 76 2.67 -7.43 21.11
N ALA A 77 2.86 -8.70 20.76
CA ALA A 77 2.16 -9.28 19.62
C ALA A 77 2.00 -10.78 19.77
N SER A 78 1.02 -11.34 19.05
CA SER A 78 0.77 -12.77 19.07
C SER A 78 1.90 -13.46 18.31
N SER A 79 2.35 -14.61 18.79
CA SER A 79 3.40 -15.33 18.10
C SER A 79 2.76 -16.21 17.03
N PHE A 80 1.60 -16.79 17.35
CA PHE A 80 0.87 -17.66 16.45
C PHE A 80 0.01 -16.74 15.59
N THR A 81 0.56 -16.35 14.44
CA THR A 81 -0.14 -15.44 13.53
C THR A 81 0.60 -15.37 12.18
N PHE A 82 0.08 -14.51 11.30
CA PHE A 82 0.66 -14.28 9.98
C PHE A 82 1.58 -13.06 10.16
N ILE A 83 2.78 -13.10 9.58
CA ILE A 83 3.73 -11.99 9.74
C ILE A 83 3.18 -10.63 9.33
N ALA A 84 2.17 -10.60 8.46
CA ALA A 84 1.59 -9.34 8.03
C ALA A 84 1.02 -8.54 9.21
N SER A 85 0.69 -9.24 10.29
CA SER A 85 0.15 -8.60 11.48
C SER A 85 1.21 -7.89 12.32
N VAL A 86 2.46 -8.31 12.19
CA VAL A 86 3.52 -7.70 12.99
C VAL A 86 4.58 -6.92 12.21
N ALA A 87 4.58 -7.06 10.88
CA ALA A 87 5.54 -6.33 10.06
C ALA A 87 5.49 -4.82 10.34
N PRO A 88 4.30 -4.26 10.61
CA PRO A 88 4.23 -2.82 10.89
C PRO A 88 5.12 -2.40 12.06
N ILE A 89 5.35 -3.31 12.99
CA ILE A 89 6.21 -3.01 14.13
C ILE A 89 7.61 -2.71 13.56
N CYS A 90 8.04 -3.53 12.61
CA CYS A 90 9.35 -3.36 11.96
C CYS A 90 9.42 -2.04 11.15
N TYR A 91 8.33 -1.67 10.50
CA TYR A 91 8.32 -0.43 9.70
C TYR A 91 8.66 0.78 10.56
N LEU A 92 8.16 0.78 11.80
CA LEU A 92 8.40 1.89 12.70
C LEU A 92 9.67 1.69 13.52
N LYS A 93 10.34 0.56 13.28
CA LYS A 93 11.57 0.23 13.99
C LYS A 93 11.34 0.10 15.49
N ALA A 94 10.17 -0.42 15.85
CA ALA A 94 9.83 -0.65 17.25
C ALA A 94 10.30 -2.08 17.52
N LYS A 95 10.21 -2.53 18.76
CA LYS A 95 10.65 -3.87 19.11
C LYS A 95 9.51 -4.79 19.50
N PRO A 96 9.37 -5.91 18.81
CA PRO A 96 8.30 -6.86 19.11
C PRO A 96 8.61 -7.83 20.25
N VAL A 97 7.59 -8.15 21.03
CA VAL A 97 7.69 -9.11 22.12
C VAL A 97 6.55 -10.08 21.83
N PHE A 98 6.88 -11.31 21.49
CA PHE A 98 5.88 -12.31 21.14
C PHE A 98 5.37 -13.18 22.28
N ILE A 99 4.06 -13.46 22.24
CA ILE A 99 3.41 -14.27 23.28
C ILE A 99 2.70 -15.49 22.68
N ASP A 100 3.00 -16.66 23.24
CA ASP A 100 2.41 -17.92 22.78
C ASP A 100 0.89 -17.90 22.99
N CYS A 101 0.21 -18.93 22.49
CA CYS A 101 -1.25 -19.00 22.57
C CYS A 101 -1.87 -20.00 23.54
N ASP A 102 -3.19 -19.94 23.66
CA ASP A 102 -3.95 -20.83 24.52
C ASP A 102 -4.86 -21.73 23.67
N GLU A 103 -5.84 -22.36 24.30
CA GLU A 103 -6.76 -23.26 23.60
C GLU A 103 -7.65 -22.60 22.54
N THR A 104 -7.67 -21.27 22.47
CA THR A 104 -8.48 -20.58 21.47
C THR A 104 -7.64 -20.24 20.24
N TYR A 105 -6.34 -20.54 20.31
CA TYR A 105 -5.38 -20.24 19.24
C TYR A 105 -4.84 -18.82 19.44
N ASN A 106 -5.38 -18.12 20.44
CA ASN A 106 -4.97 -16.75 20.67
C ASN A 106 -4.08 -16.57 21.89
N ILE A 107 -3.57 -15.35 22.06
CA ILE A 107 -2.67 -15.02 23.16
C ILE A 107 -3.14 -15.52 24.52
N ASP A 108 -2.23 -16.21 25.20
CA ASP A 108 -2.51 -16.76 26.52
C ASP A 108 -2.42 -15.67 27.58
N VAL A 109 -3.46 -15.59 28.43
CA VAL A 109 -3.51 -14.59 29.49
C VAL A 109 -2.34 -14.67 30.46
N ASP A 110 -2.02 -15.88 30.93
CA ASP A 110 -0.90 -16.05 31.87
C ASP A 110 0.41 -15.49 31.31
N LEU A 111 0.72 -15.85 30.07
CA LEU A 111 1.95 -15.39 29.45
C LEU A 111 1.96 -13.88 29.20
N LEU A 112 0.80 -13.31 28.90
CA LEU A 112 0.69 -11.88 28.66
C LEU A 112 1.04 -11.14 29.95
N LYS A 113 0.49 -11.60 31.06
CA LYS A 113 0.75 -10.97 32.35
C LYS A 113 2.23 -11.10 32.68
N LEU A 114 2.80 -12.28 32.44
CA LEU A 114 4.21 -12.52 32.71
C LEU A 114 5.10 -11.58 31.91
N ALA A 115 4.81 -11.45 30.61
CA ALA A 115 5.60 -10.58 29.74
C ALA A 115 5.58 -9.13 30.19
N ILE A 116 4.39 -8.64 30.55
CA ILE A 116 4.23 -7.26 30.99
C ILE A 116 4.98 -7.04 32.30
N LYS A 117 4.91 -8.02 33.18
CA LYS A 117 5.56 -7.95 34.47
C LYS A 117 7.09 -7.91 34.37
N GLU A 118 7.64 -8.66 33.42
CA GLU A 118 9.09 -8.74 33.25
C GLU A 118 9.71 -7.72 32.29
N CYS A 119 8.88 -6.94 31.60
CA CYS A 119 9.39 -5.95 30.66
C CYS A 119 10.12 -4.82 31.38
N GLU A 120 11.40 -4.64 31.08
CA GLU A 120 12.18 -3.58 31.69
C GLU A 120 11.59 -2.25 31.27
N LYS A 121 11.11 -2.20 30.04
CA LYS A 121 10.47 -1.01 29.49
C LYS A 121 9.01 -1.34 29.25
N LYS A 122 8.10 -0.45 29.65
CA LYS A 122 6.67 -0.68 29.50
C LYS A 122 6.21 -0.69 28.04
N PRO A 123 5.48 -1.75 27.64
CA PRO A 123 4.99 -1.84 26.26
C PRO A 123 3.97 -0.75 25.92
N LYS A 124 4.14 -0.15 24.75
CA LYS A 124 3.25 0.92 24.28
C LYS A 124 1.92 0.40 23.75
N ALA A 125 1.93 -0.77 23.14
CA ALA A 125 0.72 -1.34 22.58
C ALA A 125 0.79 -2.85 22.46
N LEU A 126 -0.35 -3.44 22.15
CA LEU A 126 -0.47 -4.88 21.96
C LEU A 126 -1.26 -5.11 20.69
N ILE A 127 -0.71 -5.92 19.79
CA ILE A 127 -1.42 -6.24 18.56
C ILE A 127 -1.94 -7.65 18.80
N LEU A 128 -3.24 -7.74 19.03
CA LEU A 128 -3.90 -9.00 19.30
C LEU A 128 -4.53 -9.60 18.06
N THR A 129 -4.09 -10.79 17.68
CA THR A 129 -4.65 -11.47 16.52
C THR A 129 -5.76 -12.42 16.96
N HIS A 130 -6.86 -12.44 16.21
CA HIS A 130 -7.97 -13.34 16.48
C HIS A 130 -7.80 -14.39 15.39
N LEU A 131 -6.96 -15.38 15.68
CA LEU A 131 -6.62 -16.41 14.71
C LEU A 131 -7.76 -17.28 14.18
N TYR A 132 -7.79 -17.41 12.86
CA TYR A 132 -8.79 -18.19 12.15
C TYR A 132 -10.21 -17.76 12.54
N GLY A 133 -10.33 -16.52 12.99
CA GLY A 133 -11.64 -16.00 13.38
C GLY A 133 -12.03 -16.24 14.82
N ASN A 134 -11.29 -17.06 15.55
CA ASN A 134 -11.62 -17.33 16.95
C ASN A 134 -11.41 -16.12 17.84
N ALA A 135 -12.34 -15.92 18.77
CA ALA A 135 -12.23 -14.81 19.71
C ALA A 135 -11.24 -15.15 20.82
N ALA A 136 -10.49 -14.15 21.25
CA ALA A 136 -9.54 -14.32 22.35
C ALA A 136 -10.35 -14.07 23.61
N LYS A 137 -9.71 -14.24 24.77
CA LYS A 137 -10.39 -14.01 26.05
C LYS A 137 -10.36 -12.51 26.31
N MET A 138 -11.27 -11.81 25.64
CA MET A 138 -11.37 -10.36 25.70
C MET A 138 -11.57 -9.67 27.05
N ASP A 139 -12.46 -10.18 27.89
CA ASP A 139 -12.64 -9.51 29.18
C ASP A 139 -11.33 -9.39 29.93
N GLU A 140 -10.55 -10.47 29.97
CA GLU A 140 -9.28 -10.45 30.67
C GLU A 140 -8.25 -9.57 29.97
N ILE A 141 -8.10 -9.76 28.66
CA ILE A 141 -7.13 -9.00 27.89
C ILE A 141 -7.42 -7.50 27.90
N VAL A 142 -8.68 -7.12 27.77
CA VAL A 142 -9.03 -5.71 27.78
C VAL A 142 -8.64 -5.10 29.14
N GLU A 143 -8.93 -5.82 30.22
CA GLU A 143 -8.60 -5.32 31.56
C GLU A 143 -7.09 -5.22 31.79
N ILE A 144 -6.34 -6.22 31.34
CA ILE A 144 -4.90 -6.20 31.51
C ILE A 144 -4.31 -4.99 30.80
N CYS A 145 -4.81 -4.69 29.62
CA CYS A 145 -4.32 -3.55 28.85
C CYS A 145 -4.69 -2.23 29.52
N LYS A 146 -5.90 -2.15 30.05
CA LYS A 146 -6.35 -0.93 30.71
C LYS A 146 -5.52 -0.65 31.96
N GLU A 147 -5.36 -1.67 32.80
CA GLU A 147 -4.60 -1.53 34.04
C GLU A 147 -3.12 -1.23 33.82
N ASN A 148 -2.62 -1.58 32.65
CA ASN A 148 -1.21 -1.34 32.35
C ASN A 148 -0.99 -0.24 31.33
N ASP A 149 -2.06 0.48 31.01
CA ASP A 149 -2.04 1.58 30.05
C ASP A 149 -1.38 1.15 28.73
N ILE A 150 -1.89 0.05 28.17
CA ILE A 150 -1.38 -0.46 26.91
C ILE A 150 -2.46 -0.30 25.85
N VAL A 151 -2.12 0.31 24.73
CA VAL A 151 -3.09 0.49 23.65
C VAL A 151 -3.38 -0.85 23.00
N LEU A 152 -4.65 -1.24 23.00
CA LEU A 152 -5.04 -2.49 22.39
C LEU A 152 -5.45 -2.31 20.93
N ILE A 153 -4.75 -3.01 20.04
CA ILE A 153 -5.04 -2.96 18.61
C ILE A 153 -5.42 -4.38 18.20
N GLU A 154 -6.66 -4.56 17.80
CA GLU A 154 -7.10 -5.89 17.38
C GLU A 154 -6.86 -6.18 15.92
N ASP A 155 -6.13 -7.26 15.67
CA ASP A 155 -5.87 -7.70 14.30
C ASP A 155 -6.99 -8.69 14.04
N ALA A 156 -8.10 -8.20 13.52
CA ALA A 156 -9.26 -9.04 13.21
C ALA A 156 -9.35 -9.27 11.72
N ALA A 157 -8.20 -9.31 11.05
CA ALA A 157 -8.14 -9.50 9.60
C ALA A 157 -8.99 -10.65 9.10
N GLU A 158 -8.98 -11.77 9.82
CA GLU A 158 -9.76 -12.93 9.42
C GLU A 158 -10.93 -13.17 10.38
N ALA A 159 -11.26 -12.17 11.18
CA ALA A 159 -12.31 -12.31 12.17
C ALA A 159 -13.54 -11.42 11.94
N LEU A 160 -13.70 -10.91 10.72
CA LEU A 160 -14.88 -10.09 10.45
C LEU A 160 -16.06 -11.04 10.49
N GLY A 161 -17.03 -10.76 11.35
CA GLY A 161 -18.18 -11.63 11.48
C GLY A 161 -18.11 -12.45 12.77
N SER A 162 -17.00 -12.33 13.47
CA SER A 162 -16.83 -13.02 14.74
C SER A 162 -17.27 -12.09 15.86
N PHE A 163 -17.87 -12.67 16.90
CA PHE A 163 -18.34 -11.89 18.04
C PHE A 163 -17.94 -12.50 19.38
N TYR A 164 -17.87 -11.63 20.38
CA TYR A 164 -17.55 -12.02 21.74
C TYR A 164 -18.62 -11.36 22.60
N LYS A 165 -19.48 -12.19 23.20
CA LYS A 165 -20.57 -11.68 24.01
C LYS A 165 -21.39 -10.62 23.28
N ASN A 166 -21.83 -10.96 22.09
CA ASN A 166 -22.65 -10.08 21.24
C ASN A 166 -21.98 -8.81 20.77
N LYS A 167 -20.66 -8.72 20.96
CA LYS A 167 -19.90 -7.56 20.53
C LYS A 167 -18.92 -8.00 19.44
N ALA A 168 -18.89 -7.26 18.34
CA ALA A 168 -18.03 -7.58 17.21
C ALA A 168 -16.54 -7.50 17.52
N LEU A 169 -15.79 -8.53 17.16
CA LEU A 169 -14.36 -8.51 17.38
C LEU A 169 -13.86 -7.33 16.55
N GLY A 170 -12.91 -6.57 17.11
CA GLY A 170 -12.38 -5.41 16.42
C GLY A 170 -12.84 -4.15 17.11
N THR A 171 -13.91 -4.24 17.90
CA THR A 171 -14.44 -3.08 18.60
C THR A 171 -14.11 -3.03 20.10
N PHE A 172 -13.21 -3.90 20.55
CA PHE A 172 -12.82 -3.91 21.96
C PHE A 172 -11.61 -3.02 22.24
N GLY A 173 -10.68 -2.98 21.28
CA GLY A 173 -9.49 -2.16 21.46
C GLY A 173 -9.72 -0.74 20.97
N GLU A 174 -8.70 0.10 21.10
CA GLU A 174 -8.82 1.47 20.62
C GLU A 174 -8.88 1.43 19.10
N PHE A 175 -8.28 0.40 18.52
CA PHE A 175 -8.28 0.23 17.07
C PHE A 175 -8.55 -1.22 16.70
N GLY A 176 -9.19 -1.41 15.55
CA GLY A 176 -9.48 -2.74 15.05
C GLY A 176 -9.20 -2.76 13.56
N VAL A 177 -8.82 -3.90 13.02
CA VAL A 177 -8.52 -4.02 11.60
C VAL A 177 -9.16 -5.25 10.97
N TYR A 178 -9.79 -5.07 9.80
CA TYR A 178 -10.40 -6.17 9.07
C TYR A 178 -9.74 -6.28 7.70
N SER A 179 -9.74 -7.48 7.14
CA SER A 179 -9.19 -7.73 5.82
C SER A 179 -10.31 -8.42 5.04
N TYR A 180 -10.20 -8.47 3.72
CA TYR A 180 -11.30 -9.06 2.96
C TYR A 180 -11.02 -10.15 1.92
N ASN A 181 -9.75 -10.45 1.64
CA ASN A 181 -9.49 -11.44 0.60
C ASN A 181 -8.51 -12.58 0.81
N GLY A 182 -8.33 -13.01 2.05
CA GLY A 182 -7.43 -14.13 2.30
C GLY A 182 -5.97 -13.74 2.13
N ASN A 183 -5.07 -14.73 2.19
CA ASN A 183 -3.65 -14.45 2.09
C ASN A 183 -2.84 -15.09 0.97
N LYS A 184 -3.48 -15.40 -0.16
CA LYS A 184 -2.75 -15.97 -1.28
C LYS A 184 -1.83 -14.86 -1.79
N ILE A 185 -0.73 -15.22 -2.44
CA ILE A 185 0.20 -14.21 -2.95
C ILE A 185 -0.48 -13.22 -3.88
N ILE A 186 -1.45 -13.70 -4.65
CA ILE A 186 -2.21 -12.84 -5.56
C ILE A 186 -3.69 -13.09 -5.33
N THR A 187 -4.45 -12.01 -5.14
CA THR A 187 -5.87 -12.13 -4.89
C THR A 187 -6.70 -11.33 -5.90
N THR A 188 -7.96 -11.72 -6.05
CA THR A 188 -8.87 -11.05 -6.98
C THR A 188 -9.04 -9.58 -6.58
N SER A 189 -9.37 -9.35 -5.31
CA SER A 189 -9.56 -8.00 -4.81
C SER A 189 -8.54 -7.75 -3.69
N GLY A 190 -8.65 -6.59 -3.04
CA GLY A 190 -7.74 -6.27 -1.96
C GLY A 190 -8.33 -5.18 -1.11
N GLY A 191 -7.84 -5.02 0.11
CA GLY A 191 -8.38 -3.98 0.95
C GLY A 191 -8.39 -4.32 2.42
N GLY A 192 -8.41 -3.26 3.22
CA GLY A 192 -8.45 -3.42 4.65
C GLY A 192 -9.29 -2.29 5.22
N MET A 193 -9.69 -2.43 6.46
CA MET A 193 -10.51 -1.41 7.09
C MET A 193 -9.96 -1.17 8.49
N LEU A 194 -9.71 0.09 8.81
CA LEU A 194 -9.25 0.46 10.14
C LEU A 194 -10.46 1.07 10.85
N ILE A 195 -10.80 0.52 12.01
CA ILE A 195 -11.91 1.07 12.78
C ILE A 195 -11.34 1.47 14.13
N GLY A 196 -12.04 2.32 14.87
CA GLY A 196 -11.52 2.74 16.15
C GLY A 196 -12.51 3.53 16.98
N LYS A 197 -12.15 3.74 18.24
CA LYS A 197 -12.98 4.46 19.21
C LYS A 197 -12.82 5.98 19.13
N ASN A 198 -11.61 6.42 18.81
CA ASN A 198 -11.31 7.85 18.77
C ASN A 198 -11.41 8.46 17.38
N LYS A 199 -12.44 9.28 17.18
CA LYS A 199 -12.67 9.94 15.91
C LYS A 199 -11.48 10.76 15.45
N GLU A 200 -10.88 11.50 16.38
CA GLU A 200 -9.73 12.34 16.05
C GLU A 200 -8.54 11.51 15.53
N LYS A 201 -8.26 10.39 16.19
CA LYS A 201 -7.16 9.54 15.76
C LYS A 201 -7.46 8.87 14.42
N ILE A 202 -8.71 8.44 14.21
CA ILE A 202 -9.07 7.81 12.95
C ILE A 202 -9.00 8.86 11.83
N GLU A 203 -9.42 10.08 12.13
CA GLU A 203 -9.36 11.13 11.12
C GLU A 203 -7.92 11.54 10.85
N LYS A 204 -7.03 11.35 11.81
CA LYS A 204 -5.62 11.66 11.63
C LYS A 204 -5.08 10.60 10.65
N ALA A 205 -5.55 9.37 10.79
CA ALA A 205 -5.13 8.29 9.91
C ALA A 205 -5.64 8.55 8.49
N ARG A 206 -6.85 9.08 8.38
CA ARG A 206 -7.42 9.38 7.07
C ARG A 206 -6.54 10.43 6.38
N PHE A 207 -5.89 11.28 7.19
CA PHE A 207 -4.95 12.35 6.73
C PHE A 207 -3.63 11.74 6.24
N TYR A 208 -3.12 10.78 7.00
CA TYR A 208 -1.88 10.09 6.66
C TYR A 208 -2.06 9.21 5.43
N SER A 209 -3.27 8.65 5.29
CA SER A 209 -3.57 7.74 4.19
C SER A 209 -3.47 8.35 2.80
N THR A 210 -3.45 9.67 2.71
CA THR A 210 -3.36 10.33 1.41
C THR A 210 -2.25 11.37 1.32
N GLN A 211 -1.05 10.99 1.75
CA GLN A 211 0.14 11.83 1.70
C GLN A 211 0.18 13.08 2.59
N ALA A 212 -0.56 13.05 3.69
CA ALA A 212 -0.56 14.16 4.65
C ALA A 212 -0.66 15.56 4.02
N ARG A 213 -1.74 15.80 3.30
CA ARG A 213 -1.95 17.08 2.64
C ARG A 213 -2.69 18.05 3.54
N GLU A 214 -2.24 19.30 3.60
CA GLU A 214 -2.93 20.30 4.40
C GLU A 214 -4.11 20.77 3.57
N ASN A 215 -5.07 21.43 4.21
CA ASN A 215 -6.22 21.93 3.46
C ASN A 215 -5.84 23.26 2.81
N CYS A 216 -5.23 23.19 1.63
CA CYS A 216 -4.81 24.37 0.89
C CYS A 216 -5.12 24.21 -0.59
N LEU A 217 -5.06 25.31 -1.33
CA LEU A 217 -5.31 25.29 -2.76
C LEU A 217 -4.20 24.48 -3.44
N HIS A 218 -2.99 24.64 -2.93
CA HIS A 218 -1.81 23.93 -3.46
C HIS A 218 -1.42 22.81 -2.49
N TYR A 219 -0.36 22.09 -2.82
CA TYR A 219 0.10 21.01 -1.95
C TYR A 219 1.03 21.54 -0.86
N GLU A 220 0.59 21.44 0.38
CA GLU A 220 1.36 21.91 1.53
C GLU A 220 1.46 20.76 2.53
N HIS A 221 2.65 20.53 3.05
CA HIS A 221 2.86 19.41 3.97
C HIS A 221 3.65 19.75 5.22
N LEU A 222 3.07 19.42 6.37
CA LEU A 222 3.68 19.65 7.68
C LEU A 222 4.24 18.33 8.18
N ASP A 223 3.82 17.24 7.56
CA ASP A 223 4.26 15.90 7.94
C ASP A 223 4.27 15.08 6.66
N TYR A 224 4.72 13.84 6.73
CA TYR A 224 4.71 12.99 5.54
C TYR A 224 3.70 11.87 5.79
N GLY A 225 3.11 11.37 4.71
CA GLY A 225 2.12 10.31 4.84
C GLY A 225 2.39 9.16 3.90
N TYR A 226 1.31 8.52 3.46
CA TYR A 226 1.39 7.35 2.58
C TYR A 226 0.33 7.39 1.49
N ASN A 227 0.34 6.36 0.66
CA ASN A 227 -0.65 6.22 -0.40
C ASN A 227 -1.35 4.91 -0.03
N TYR A 228 -2.21 5.00 0.98
CA TYR A 228 -2.93 3.85 1.50
C TYR A 228 -4.45 3.85 1.29
N ARG A 229 -5.00 4.93 0.76
CA ARG A 229 -6.45 5.03 0.57
C ARG A 229 -7.02 4.04 -0.46
N LEU A 230 -8.11 3.36 -0.11
CA LEU A 230 -8.72 2.40 -1.01
C LEU A 230 -9.31 3.10 -2.23
N SER A 231 -9.33 2.41 -3.37
CA SER A 231 -9.88 2.97 -4.60
C SER A 231 -11.39 2.73 -4.64
N ASN A 232 -12.09 3.49 -5.47
CA ASN A 232 -13.53 3.37 -5.57
C ASN A 232 -13.95 1.99 -6.13
N VAL A 233 -13.16 1.44 -7.05
CA VAL A 233 -13.49 0.13 -7.61
C VAL A 233 -13.42 -0.95 -6.55
N LEU A 234 -12.38 -0.93 -5.73
CA LEU A 234 -12.27 -1.96 -4.69
C LEU A 234 -13.31 -1.69 -3.59
N GLY A 235 -13.69 -0.42 -3.44
CA GLY A 235 -14.69 -0.07 -2.43
C GLY A 235 -16.02 -0.68 -2.84
N ALA A 236 -16.30 -0.68 -4.14
CA ALA A 236 -17.54 -1.24 -4.67
C ALA A 236 -17.61 -2.73 -4.37
N ILE A 237 -16.48 -3.42 -4.58
CA ILE A 237 -16.44 -4.84 -4.29
C ILE A 237 -16.67 -5.04 -2.80
N GLY A 238 -16.10 -4.16 -1.98
CA GLY A 238 -16.26 -4.26 -0.54
C GLY A 238 -17.71 -4.19 -0.11
N VAL A 239 -18.46 -3.27 -0.71
CA VAL A 239 -19.87 -3.13 -0.39
C VAL A 239 -20.59 -4.45 -0.75
N ALA A 240 -20.25 -4.99 -1.92
CA ALA A 240 -20.85 -6.25 -2.37
C ALA A 240 -20.54 -7.39 -1.41
N GLN A 241 -19.31 -7.42 -0.89
CA GLN A 241 -18.92 -8.46 0.04
C GLN A 241 -19.63 -8.33 1.39
N MET A 242 -19.81 -7.10 1.85
CA MET A 242 -20.49 -6.89 3.13
C MET A 242 -21.97 -7.29 3.07
N GLU A 243 -22.58 -7.15 1.89
CA GLU A 243 -24.00 -7.50 1.73
C GLU A 243 -24.27 -8.99 1.97
N VAL A 244 -23.27 -9.83 1.75
CA VAL A 244 -23.42 -11.27 1.95
C VAL A 244 -22.56 -11.84 3.08
N LEU A 245 -21.98 -10.97 3.89
CA LEU A 245 -21.13 -11.41 4.99
C LEU A 245 -21.82 -12.36 5.98
N GLU A 246 -22.95 -11.94 6.54
CA GLU A 246 -23.63 -12.78 7.51
C GLU A 246 -23.97 -14.14 6.91
N GLN A 247 -24.44 -14.16 5.67
CA GLN A 247 -24.78 -15.40 4.99
C GLN A 247 -23.55 -16.29 4.91
N ARG A 248 -22.41 -15.70 4.56
CA ARG A 248 -21.18 -16.47 4.45
C ARG A 248 -20.70 -16.98 5.79
N VAL A 249 -20.82 -16.16 6.83
CA VAL A 249 -20.43 -16.60 8.16
C VAL A 249 -21.24 -17.83 8.57
N LEU A 250 -22.55 -17.79 8.28
CA LEU A 250 -23.40 -18.91 8.63
C LEU A 250 -22.97 -20.16 7.87
N LYS A 251 -22.58 -19.99 6.61
CA LYS A 251 -22.16 -21.12 5.79
C LYS A 251 -20.81 -21.66 6.25
N LYS A 252 -19.91 -20.77 6.66
CA LYS A 252 -18.60 -21.19 7.14
C LYS A 252 -18.80 -22.09 8.36
N ARG A 253 -19.71 -21.67 9.24
CA ARG A 253 -19.99 -22.43 10.45
C ARG A 253 -20.64 -23.79 10.13
N GLU A 254 -21.48 -23.83 9.10
CA GLU A 254 -22.10 -25.09 8.71
C GLU A 254 -21.02 -26.06 8.25
N ILE A 255 -20.09 -25.54 7.46
CA ILE A 255 -18.98 -26.33 6.93
C ILE A 255 -18.14 -26.88 8.07
N TYR A 256 -17.85 -26.03 9.06
CA TYR A 256 -17.06 -26.44 10.22
C TYR A 256 -17.76 -27.60 10.92
N GLU A 257 -19.06 -27.44 11.15
CA GLU A 257 -19.85 -28.47 11.80
C GLU A 257 -19.91 -29.77 11.01
N TRP A 258 -19.87 -29.67 9.69
CA TRP A 258 -19.89 -30.88 8.87
C TRP A 258 -18.55 -31.60 9.03
N TYR A 259 -17.46 -30.85 8.99
CA TYR A 259 -16.14 -31.45 9.16
C TYR A 259 -16.10 -32.16 10.52
N LYS A 260 -16.61 -31.47 11.54
CA LYS A 260 -16.63 -32.02 12.89
C LYS A 260 -17.43 -33.32 12.92
N GLU A 261 -18.55 -33.34 12.21
CA GLU A 261 -19.40 -34.53 12.17
C GLU A 261 -18.70 -35.71 11.52
N PHE A 262 -18.03 -35.46 10.40
CA PHE A 262 -17.35 -36.53 9.66
C PHE A 262 -15.97 -36.91 10.15
N LEU A 263 -15.27 -36.00 10.81
CA LEU A 263 -13.92 -36.29 11.28
C LEU A 263 -13.75 -36.30 12.80
N GLY A 264 -14.81 -35.91 13.51
CA GLY A 264 -14.76 -35.85 14.96
C GLY A 264 -14.22 -37.05 15.72
N GLU A 265 -14.19 -38.21 15.09
CA GLU A 265 -13.69 -39.41 15.76
C GLU A 265 -12.17 -39.50 15.79
N TYR A 266 -11.51 -38.83 14.86
CA TYR A 266 -10.05 -38.86 14.80
C TYR A 266 -9.38 -37.50 15.01
N PHE A 267 -10.11 -36.43 14.74
CA PHE A 267 -9.55 -35.09 14.92
C PHE A 267 -10.25 -34.32 16.02
N SER A 268 -9.50 -33.39 16.63
CA SER A 268 -10.04 -32.57 17.68
C SER A 268 -10.40 -31.20 17.13
N PHE A 269 -11.63 -30.77 17.39
CA PHE A 269 -12.11 -29.48 16.95
C PHE A 269 -12.36 -28.62 18.18
N LEU A 270 -11.34 -27.87 18.58
CA LEU A 270 -11.42 -27.01 19.75
C LEU A 270 -12.60 -26.04 19.71
N ASP A 271 -13.39 -26.08 20.78
CA ASP A 271 -14.57 -25.23 20.89
C ASP A 271 -14.26 -23.75 20.96
N GLU A 272 -15.21 -22.95 20.49
CA GLU A 272 -15.07 -21.52 20.53
C GLU A 272 -15.39 -21.17 21.98
N LEU A 273 -14.96 -19.99 22.43
CA LEU A 273 -15.20 -19.57 23.80
C LEU A 273 -16.71 -19.48 24.05
N GLU A 274 -17.15 -19.81 25.26
CA GLU A 274 -18.58 -19.74 25.56
C GLU A 274 -19.04 -18.30 25.42
N ASN A 275 -20.24 -18.11 24.88
CA ASN A 275 -20.79 -16.78 24.68
C ASN A 275 -20.04 -15.97 23.62
N SER A 276 -19.42 -16.66 22.68
CA SER A 276 -18.70 -16.01 21.59
C SER A 276 -19.16 -16.70 20.32
N ARG A 277 -18.94 -16.05 19.19
CA ARG A 277 -19.34 -16.62 17.91
C ARG A 277 -18.24 -16.47 16.88
N SER A 278 -17.49 -17.55 16.66
CA SER A 278 -16.39 -17.55 15.70
C SER A 278 -16.95 -17.62 14.28
N ASN A 279 -16.36 -16.85 13.37
CA ASN A 279 -16.83 -16.87 11.99
C ASN A 279 -16.30 -18.12 11.28
N ARG A 280 -15.45 -18.88 11.97
CA ARG A 280 -14.85 -20.08 11.40
C ARG A 280 -14.45 -19.84 9.95
N TRP A 281 -13.84 -18.69 9.68
CA TRP A 281 -13.46 -18.36 8.30
C TRP A 281 -12.67 -19.47 7.62
N LEU A 282 -11.92 -20.24 8.40
CA LEU A 282 -11.17 -21.38 7.89
C LEU A 282 -11.35 -22.48 8.91
N SER A 283 -11.72 -23.67 8.46
CA SER A 283 -11.90 -24.80 9.37
C SER A 283 -10.55 -25.43 9.65
N THR A 284 -10.26 -25.68 10.93
CA THR A 284 -8.99 -26.29 11.32
C THR A 284 -9.27 -27.43 12.27
N ALA A 285 -8.34 -28.38 12.35
CA ALA A 285 -8.47 -29.54 13.22
C ALA A 285 -7.11 -30.06 13.65
N LEU A 286 -7.07 -30.81 14.74
CA LEU A 286 -5.84 -31.38 15.28
C LEU A 286 -5.93 -32.89 15.35
N ILE A 287 -4.89 -33.58 14.87
CA ILE A 287 -4.88 -35.04 14.90
C ILE A 287 -4.13 -35.57 16.12
N ASN A 288 -4.54 -36.73 16.62
CA ASN A 288 -3.91 -37.34 17.79
C ASN A 288 -3.65 -36.30 18.89
N PHE A 289 -4.68 -35.54 19.22
CA PHE A 289 -4.55 -34.49 20.24
C PHE A 289 -5.35 -34.71 21.52
N ASP A 290 -4.76 -34.27 22.63
CA ASP A 290 -5.39 -34.37 23.94
C ASP A 290 -5.07 -33.08 24.68
N LYS A 291 -6.08 -32.49 25.31
CA LYS A 291 -5.91 -31.24 26.05
C LYS A 291 -4.79 -31.28 27.08
N ASN A 292 -4.46 -32.48 27.58
CA ASN A 292 -3.40 -32.60 28.59
C ASN A 292 -2.03 -32.27 27.99
N GLU A 293 -1.99 -32.11 26.68
CA GLU A 293 -0.75 -31.77 25.98
C GLU A 293 -0.46 -30.27 26.04
N LEU A 294 -1.48 -29.49 26.38
CA LEU A 294 -1.34 -28.04 26.43
C LEU A 294 -0.47 -27.54 27.58
N ASN A 295 0.14 -26.39 27.38
CA ASN A 295 0.98 -25.73 28.37
C ASN A 295 2.10 -26.63 28.89
N ALA A 296 2.89 -27.17 27.98
CA ALA A 296 4.01 -28.03 28.35
C ALA A 296 5.09 -27.24 29.08
N CYS A 297 5.15 -25.95 28.82
CA CYS A 297 6.16 -25.12 29.47
C CYS A 297 5.69 -23.70 29.69
N GLN A 298 6.59 -22.89 30.25
CA GLN A 298 6.34 -21.48 30.50
C GLN A 298 7.73 -20.88 30.61
N LYS A 299 8.26 -20.46 29.47
CA LYS A 299 9.60 -19.90 29.44
C LYS A 299 9.73 -18.69 28.52
N ASP A 300 10.75 -17.88 28.78
CA ASP A 300 11.02 -16.72 27.97
C ASP A 300 12.31 -17.03 27.23
N ILE A 301 12.38 -16.64 25.96
CA ILE A 301 13.57 -16.90 25.17
C ILE A 301 13.91 -15.73 24.28
N ASN A 302 15.07 -15.83 23.65
CA ASN A 302 15.54 -14.86 22.68
C ASN A 302 15.40 -15.71 21.43
N ILE A 303 14.58 -15.25 20.50
CA ILE A 303 14.31 -16.01 19.28
C ILE A 303 15.48 -16.40 18.38
N SER A 304 15.41 -17.62 17.87
CA SER A 304 16.37 -18.17 16.91
C SER A 304 15.51 -19.04 16.01
N GLN A 305 15.85 -19.13 14.73
CA GLN A 305 15.07 -19.91 13.78
C GLN A 305 15.07 -21.39 14.12
N LYS A 306 13.94 -22.04 13.83
CA LYS A 306 13.79 -23.45 14.10
C LYS A 306 12.70 -24.03 13.21
N ASN A 307 12.93 -25.23 12.70
CA ASN A 307 11.93 -25.88 11.87
C ASN A 307 11.04 -26.64 12.83
N ILE A 308 9.82 -26.96 12.38
CA ILE A 308 8.90 -27.73 13.20
C ILE A 308 8.43 -28.90 12.35
N THR A 309 8.66 -30.11 12.86
CA THR A 309 8.28 -31.33 12.15
C THR A 309 6.77 -31.60 12.21
N LEU A 310 6.17 -31.76 11.04
CA LEU A 310 4.75 -32.06 10.94
C LEU A 310 4.51 -33.49 11.42
N HIS A 311 3.39 -33.70 12.11
CA HIS A 311 3.05 -35.04 12.56
C HIS A 311 3.02 -35.89 11.28
N PRO A 312 3.48 -37.14 11.35
CA PRO A 312 3.50 -38.03 10.17
C PRO A 312 2.17 -38.10 9.41
N LYS A 313 1.08 -38.21 10.15
CA LYS A 313 -0.23 -38.30 9.55
C LYS A 313 -0.63 -37.02 8.81
N ILE A 314 -0.22 -35.87 9.34
CA ILE A 314 -0.53 -34.59 8.72
C ILE A 314 0.23 -34.41 7.40
N SER A 315 1.51 -34.72 7.40
CA SER A 315 2.31 -34.58 6.19
C SER A 315 1.81 -35.53 5.10
N LYS A 316 1.41 -36.73 5.48
CA LYS A 316 0.91 -37.70 4.52
C LYS A 316 -0.46 -37.25 4.00
N LEU A 317 -1.27 -36.70 4.91
CA LEU A 317 -2.60 -36.22 4.57
C LEU A 317 -2.52 -35.14 3.49
N ILE A 318 -1.70 -34.12 3.74
CA ILE A 318 -1.53 -33.04 2.79
C ILE A 318 -1.08 -33.59 1.42
N GLU A 319 -0.14 -34.53 1.45
CA GLU A 319 0.36 -35.15 0.23
C GLU A 319 -0.75 -35.90 -0.50
N ASP A 320 -1.42 -36.80 0.22
CA ASP A 320 -2.50 -37.58 -0.38
C ASP A 320 -3.59 -36.70 -0.98
N LEU A 321 -4.17 -35.81 -0.17
CA LEU A 321 -5.23 -34.93 -0.68
C LEU A 321 -4.72 -34.14 -1.87
N LYS A 322 -3.42 -33.86 -1.88
CA LYS A 322 -2.80 -33.12 -2.97
C LYS A 322 -2.91 -33.90 -4.28
N ASN A 323 -2.85 -35.22 -4.19
CA ASN A 323 -2.95 -36.07 -5.37
C ASN A 323 -4.40 -36.22 -5.83
N LYS A 324 -5.33 -35.79 -4.97
CA LYS A 324 -6.75 -35.87 -5.30
C LYS A 324 -7.26 -34.47 -5.67
N GLN A 325 -6.33 -33.57 -5.92
CA GLN A 325 -6.64 -32.20 -6.30
C GLN A 325 -7.30 -31.38 -5.18
N ILE A 326 -7.08 -31.78 -3.93
CA ILE A 326 -7.62 -31.06 -2.79
C ILE A 326 -6.48 -30.35 -2.08
N GLU A 327 -6.64 -29.05 -1.86
CA GLU A 327 -5.59 -28.27 -1.20
C GLU A 327 -5.84 -28.08 0.29
N THR A 328 -4.87 -28.51 1.09
CA THR A 328 -4.92 -28.36 2.54
C THR A 328 -3.58 -27.75 2.92
N ARG A 329 -3.51 -27.13 4.10
CA ARG A 329 -2.26 -26.51 4.52
C ARG A 329 -1.98 -26.61 6.00
N PRO A 330 -0.71 -26.47 6.38
CA PRO A 330 -0.36 -26.54 7.80
C PRO A 330 -0.85 -25.23 8.40
N LEU A 331 -0.91 -25.16 9.72
CA LEU A 331 -1.35 -23.94 10.37
C LEU A 331 -0.20 -22.93 10.32
N TRP A 332 -0.43 -21.73 10.85
CA TRP A 332 0.62 -20.71 10.85
C TRP A 332 1.85 -21.20 11.63
N LYS A 333 3.03 -20.83 11.15
CA LYS A 333 4.26 -21.19 11.84
C LYS A 333 4.61 -19.98 12.72
N ALA A 334 4.56 -20.18 14.03
CA ALA A 334 4.81 -19.12 15.01
C ALA A 334 6.01 -18.21 14.75
N MET A 335 5.82 -16.93 15.03
CA MET A 335 6.88 -15.93 14.83
C MET A 335 8.12 -16.22 15.66
N HIS A 336 7.97 -16.86 16.82
CA HIS A 336 9.14 -17.12 17.65
C HIS A 336 10.06 -18.21 17.09
N THR A 337 9.72 -18.74 15.92
CA THR A 337 10.56 -19.75 15.27
C THR A 337 11.11 -19.24 13.94
N GLN A 338 10.84 -17.97 13.63
CA GLN A 338 11.27 -17.36 12.37
C GLN A 338 12.58 -16.58 12.44
N GLU A 339 13.45 -16.79 11.45
CA GLU A 339 14.75 -16.12 11.40
C GLU A 339 14.62 -14.59 11.40
N VAL A 340 13.59 -14.07 10.75
CA VAL A 340 13.42 -12.61 10.70
C VAL A 340 13.39 -11.96 12.07
N PHE A 341 12.88 -12.68 13.07
CA PHE A 341 12.79 -12.12 14.42
C PHE A 341 13.88 -12.59 15.37
N LYS A 342 14.97 -13.09 14.80
CA LYS A 342 16.11 -13.54 15.58
C LYS A 342 16.48 -12.48 16.61
N GLY A 343 16.64 -12.88 17.87
CA GLY A 343 17.00 -11.94 18.91
C GLY A 343 15.87 -11.31 19.69
N ALA A 344 14.67 -11.29 19.13
CA ALA A 344 13.52 -10.69 19.81
C ALA A 344 13.07 -11.56 20.99
N LYS A 345 12.40 -10.95 21.95
CA LYS A 345 11.92 -11.67 23.13
C LYS A 345 10.61 -12.39 22.83
N ALA A 346 10.46 -13.59 23.40
CA ALA A 346 9.24 -14.36 23.21
C ALA A 346 8.93 -15.19 24.46
N TYR A 347 7.65 -15.32 24.78
CA TYR A 347 7.21 -16.11 25.93
C TYR A 347 6.45 -17.31 25.37
N LEU A 348 6.93 -18.50 25.71
CA LEU A 348 6.32 -19.72 25.20
C LEU A 348 5.69 -20.63 26.24
N ASN A 349 4.73 -21.43 25.79
CA ASN A 349 4.08 -22.41 26.64
C ASN A 349 4.01 -23.70 25.83
N GLY A 350 4.55 -23.63 24.60
CA GLY A 350 4.60 -24.76 23.70
C GLY A 350 3.38 -25.04 22.84
N ASN A 351 2.30 -24.30 23.05
CA ASN A 351 1.08 -24.54 22.30
C ASN A 351 1.07 -24.25 20.80
N SER A 352 1.65 -23.13 20.37
CA SER A 352 1.63 -22.85 18.93
C SER A 352 2.45 -23.85 18.15
N GLU A 353 3.56 -24.32 18.72
CA GLU A 353 4.38 -25.30 18.02
C GLU A 353 3.64 -26.63 17.95
N LEU A 354 2.93 -26.96 19.02
CA LEU A 354 2.16 -28.20 19.10
C LEU A 354 1.05 -28.18 18.05
N PHE A 355 0.38 -27.05 17.93
CA PHE A 355 -0.72 -26.90 16.97
C PHE A 355 -0.20 -27.01 15.54
N PHE A 356 0.99 -26.47 15.28
CA PHE A 356 1.57 -26.57 13.94
C PHE A 356 1.84 -28.03 13.64
N GLN A 357 2.40 -28.71 14.65
CA GLN A 357 2.74 -30.11 14.55
C GLN A 357 1.56 -31.02 14.19
N LYS A 358 0.45 -30.84 14.89
CA LYS A 358 -0.72 -31.68 14.68
C LYS A 358 -1.92 -31.05 13.99
N GLY A 359 -1.78 -29.80 13.53
CA GLY A 359 -2.91 -29.14 12.89
C GLY A 359 -3.01 -29.20 11.39
N ILE A 360 -4.22 -28.96 10.88
CA ILE A 360 -4.45 -28.97 9.44
C ILE A 360 -5.51 -27.90 9.12
N CYS A 361 -5.28 -27.18 8.03
CA CYS A 361 -6.20 -26.14 7.58
C CYS A 361 -6.97 -26.78 6.42
N LEU A 362 -8.29 -26.86 6.58
CA LEU A 362 -9.16 -27.48 5.58
C LEU A 362 -9.87 -26.53 4.62
N PRO A 363 -10.21 -27.03 3.42
CA PRO A 363 -10.91 -26.22 2.41
C PRO A 363 -12.20 -25.71 3.04
N SER A 364 -12.42 -24.40 2.98
CA SER A 364 -13.61 -23.83 3.60
C SER A 364 -14.37 -22.84 2.72
N GLY A 365 -14.30 -23.02 1.40
CA GLY A 365 -15.01 -22.13 0.50
C GLY A 365 -16.51 -22.27 0.70
N THR A 366 -17.21 -21.15 0.83
CA THR A 366 -18.66 -21.18 1.06
C THR A 366 -19.47 -21.73 -0.11
N ALA A 367 -18.81 -21.97 -1.25
CA ALA A 367 -19.49 -22.52 -2.42
C ALA A 367 -19.61 -24.03 -2.28
N MET A 368 -18.90 -24.59 -1.29
CA MET A 368 -18.92 -26.02 -1.05
C MET A 368 -20.27 -26.49 -0.51
N SER A 369 -20.67 -27.69 -0.93
CA SER A 369 -21.91 -28.29 -0.46
C SER A 369 -21.53 -29.33 0.57
N LYS A 370 -22.52 -29.89 1.25
CA LYS A 370 -22.27 -30.91 2.26
C LYS A 370 -21.55 -32.12 1.64
N ASP A 371 -21.85 -32.43 0.39
CA ASP A 371 -21.20 -33.57 -0.28
C ASP A 371 -19.72 -33.31 -0.50
N ASP A 372 -19.37 -32.08 -0.86
CA ASP A 372 -17.96 -31.76 -1.08
C ASP A 372 -17.19 -31.99 0.21
N VAL A 373 -17.73 -31.49 1.32
CA VAL A 373 -17.09 -31.65 2.62
C VAL A 373 -17.01 -33.12 3.00
N TYR A 374 -18.05 -33.87 2.66
CA TYR A 374 -18.07 -35.29 2.98
C TYR A 374 -17.01 -36.05 2.18
N GLU A 375 -16.91 -35.75 0.89
CA GLU A 375 -15.94 -36.41 0.02
C GLU A 375 -14.52 -36.12 0.47
N ILE A 376 -14.27 -34.88 0.87
CA ILE A 376 -12.95 -34.48 1.34
C ILE A 376 -12.63 -35.26 2.62
N SER A 377 -13.60 -35.30 3.53
CA SER A 377 -13.43 -35.99 4.80
C SER A 377 -13.15 -37.48 4.59
N LYS A 378 -13.82 -38.07 3.60
CA LYS A 378 -13.65 -39.48 3.31
C LYS A 378 -12.20 -39.75 2.89
N LEU A 379 -11.64 -38.88 2.07
CA LEU A 379 -10.28 -39.03 1.59
C LEU A 379 -9.26 -38.85 2.72
N ILE A 380 -9.63 -38.05 3.71
CA ILE A 380 -8.76 -37.79 4.85
C ILE A 380 -8.73 -39.03 5.74
N LEU A 381 -9.90 -39.56 6.05
CA LEU A 381 -10.01 -40.75 6.89
C LEU A 381 -9.24 -41.92 6.29
N LYS A 382 -9.27 -42.01 4.97
CA LYS A 382 -8.58 -43.09 4.27
C LYS A 382 -7.07 -42.94 4.39
N SER A 383 -6.59 -41.70 4.37
CA SER A 383 -5.17 -41.42 4.48
C SER A 383 -4.55 -41.65 5.85
N ILE A 384 -5.24 -41.22 6.91
CA ILE A 384 -4.72 -41.35 8.26
C ILE A 384 -4.72 -42.75 8.86
N LYS A 385 -5.22 -43.73 8.11
CA LYS A 385 -5.24 -45.10 8.61
C LYS A 385 -4.98 -46.11 7.51
N GLY B 12 -11.54 0.55 -24.41
CA GLY B 12 -12.26 0.47 -23.11
C GLY B 12 -12.67 -0.95 -22.75
N ASN B 13 -11.69 -1.79 -22.45
CA ASN B 13 -11.95 -3.19 -22.10
C ASN B 13 -11.99 -3.42 -20.59
N GLU B 14 -11.95 -2.35 -19.80
CA GLU B 14 -11.95 -2.50 -18.35
C GLU B 14 -13.05 -3.44 -17.86
N LEU B 15 -14.29 -3.11 -18.16
CA LEU B 15 -15.41 -3.94 -17.73
C LEU B 15 -15.32 -5.35 -18.28
N LYS B 16 -14.84 -5.47 -19.51
CA LYS B 16 -14.71 -6.79 -20.14
C LYS B 16 -13.74 -7.65 -19.36
N TYR B 17 -12.53 -7.12 -19.14
CA TYR B 17 -11.51 -7.86 -18.41
C TYR B 17 -11.93 -8.13 -16.97
N ILE B 18 -12.64 -7.19 -16.36
CA ILE B 18 -13.08 -7.36 -14.98
C ILE B 18 -14.08 -8.51 -14.89
N GLU B 19 -14.97 -8.58 -15.88
CA GLU B 19 -15.96 -9.64 -15.90
C GLU B 19 -15.25 -10.99 -16.00
N GLU B 20 -14.20 -11.04 -16.84
CA GLU B 20 -13.43 -12.27 -17.01
C GLU B 20 -12.74 -12.65 -15.70
N VAL B 21 -12.33 -11.64 -14.93
CA VAL B 21 -11.67 -11.87 -13.66
C VAL B 21 -12.62 -12.55 -12.69
N PHE B 22 -13.86 -12.09 -12.65
CA PHE B 22 -14.87 -12.66 -11.76
C PHE B 22 -15.34 -14.03 -12.20
N LYS B 23 -15.36 -14.25 -13.51
CA LYS B 23 -15.78 -15.54 -14.06
C LYS B 23 -14.62 -16.51 -13.87
N SER B 24 -13.55 -16.01 -13.26
CA SER B 24 -12.34 -16.79 -13.01
C SER B 24 -11.78 -17.39 -14.28
N GLY B 31 -4.05 -14.35 -10.85
CA GLY B 31 -3.14 -13.26 -11.18
C GLY B 31 -2.94 -13.11 -12.68
N GLU B 32 -3.85 -13.70 -13.46
CA GLU B 32 -3.76 -13.63 -14.90
C GLU B 32 -3.50 -12.22 -15.40
N PHE B 33 -4.34 -11.28 -14.97
CA PHE B 33 -4.21 -9.91 -15.43
C PHE B 33 -3.07 -9.11 -14.83
N VAL B 34 -2.61 -9.50 -13.64
CA VAL B 34 -1.48 -8.79 -13.05
C VAL B 34 -0.27 -9.11 -13.94
N ASN B 35 -0.17 -10.37 -14.37
CA ASN B 35 0.92 -10.79 -15.23
C ASN B 35 0.83 -10.13 -16.62
N ARG B 36 -0.38 -10.04 -17.15
CA ARG B 36 -0.58 -9.42 -18.45
C ARG B 36 -0.28 -7.93 -18.37
N PHE B 37 -0.56 -7.33 -17.22
CA PHE B 37 -0.33 -5.91 -17.02
C PHE B 37 1.18 -5.67 -17.07
N GLU B 38 1.94 -6.49 -16.35
CA GLU B 38 3.39 -6.36 -16.34
C GLU B 38 3.95 -6.58 -17.75
N GLN B 39 3.38 -7.54 -18.47
CA GLN B 39 3.85 -7.83 -19.82
C GLN B 39 3.59 -6.64 -20.74
N SER B 40 2.43 -6.01 -20.60
CA SER B 40 2.11 -4.87 -21.45
C SER B 40 3.10 -3.72 -21.23
N VAL B 41 3.53 -3.53 -20.00
CA VAL B 41 4.49 -2.47 -19.71
C VAL B 41 5.86 -2.82 -20.29
N LYS B 42 6.23 -4.09 -20.26
CA LYS B 42 7.51 -4.52 -20.81
C LYS B 42 7.44 -4.35 -22.33
N ASP B 43 6.29 -4.65 -22.91
CA ASP B 43 6.12 -4.51 -24.35
C ASP B 43 6.19 -3.06 -24.79
N TYR B 44 5.62 -2.17 -24.00
CA TYR B 44 5.62 -0.75 -24.33
C TYR B 44 6.97 -0.08 -24.07
N SER B 45 7.52 -0.27 -22.88
CA SER B 45 8.78 0.36 -22.48
C SER B 45 10.05 -0.36 -22.90
N LYS B 46 9.95 -1.65 -23.19
CA LYS B 46 11.10 -2.47 -23.58
C LYS B 46 11.95 -2.87 -22.37
N SER B 47 11.46 -2.62 -21.16
CA SER B 47 12.18 -3.02 -19.97
C SER B 47 12.09 -4.54 -19.87
N GLU B 48 13.13 -5.18 -19.34
CA GLU B 48 13.12 -6.62 -19.21
C GLU B 48 12.45 -7.11 -17.93
N ASN B 49 12.15 -6.20 -17.02
CA ASN B 49 11.54 -6.59 -15.75
C ASN B 49 10.46 -5.61 -15.30
N ALA B 50 9.32 -6.15 -14.88
CA ALA B 50 8.21 -5.32 -14.42
C ALA B 50 7.49 -5.98 -13.25
N LEU B 51 7.08 -5.16 -12.28
CA LEU B 51 6.40 -5.63 -11.08
C LEU B 51 5.23 -4.70 -10.76
N ALA B 52 4.00 -5.24 -10.82
CA ALA B 52 2.79 -4.45 -10.56
C ALA B 52 2.53 -4.35 -9.06
N LEU B 53 2.39 -3.11 -8.59
CA LEU B 53 2.18 -2.84 -7.16
C LEU B 53 0.98 -1.93 -6.92
N ASN B 54 0.67 -1.68 -5.65
CA ASN B 54 -0.47 -0.85 -5.29
C ASN B 54 -0.32 0.63 -5.62
N SER B 55 0.91 1.12 -5.69
CA SER B 55 1.11 2.52 -5.99
C SER B 55 2.54 2.79 -6.41
N ALA B 56 2.77 3.96 -7.00
CA ALA B 56 4.11 4.36 -7.41
C ALA B 56 4.94 4.59 -6.15
N THR B 57 4.30 5.07 -5.09
CA THR B 57 5.01 5.30 -3.84
C THR B 57 5.58 3.96 -3.33
N ALA B 58 4.75 2.92 -3.38
CA ALA B 58 5.19 1.60 -2.96
C ALA B 58 6.36 1.13 -3.84
N ALA B 59 6.27 1.41 -5.13
CA ALA B 59 7.33 1.01 -6.07
C ALA B 59 8.64 1.68 -5.71
N LEU B 60 8.59 2.98 -5.43
CA LEU B 60 9.78 3.74 -5.06
C LEU B 60 10.33 3.23 -3.74
N HIS B 61 9.43 2.88 -2.82
CA HIS B 61 9.83 2.36 -1.51
C HIS B 61 10.65 1.07 -1.70
N LEU B 62 10.14 0.16 -2.52
CA LEU B 62 10.84 -1.10 -2.78
C LEU B 62 12.16 -0.87 -3.52
N ALA B 63 12.17 0.06 -4.47
CA ALA B 63 13.38 0.37 -5.24
C ALA B 63 14.48 0.83 -4.29
N LEU B 64 14.14 1.76 -3.39
CA LEU B 64 15.11 2.26 -2.43
C LEU B 64 15.64 1.15 -1.53
N ARG B 65 14.74 0.29 -1.06
CA ARG B 65 15.18 -0.77 -0.18
C ARG B 65 16.09 -1.77 -0.88
N VAL B 66 15.68 -2.22 -2.06
CA VAL B 66 16.49 -3.19 -2.79
C VAL B 66 17.79 -2.54 -3.24
N ALA B 67 17.77 -1.22 -3.41
CA ALA B 67 18.97 -0.50 -3.82
C ALA B 67 19.98 -0.45 -2.67
N GLY B 68 19.53 -0.81 -1.46
CA GLY B 68 20.42 -0.83 -0.31
C GLY B 68 20.40 0.39 0.59
N VAL B 69 19.41 1.26 0.42
CA VAL B 69 19.31 2.46 1.25
C VAL B 69 18.96 2.11 2.69
N LYS B 70 19.73 2.65 3.63
CA LYS B 70 19.53 2.40 5.06
C LYS B 70 19.32 3.70 5.81
N GLN B 71 18.92 3.58 7.08
CA GLN B 71 18.71 4.75 7.91
C GLN B 71 19.96 5.63 7.88
N ASP B 72 19.75 6.93 7.71
CA ASP B 72 20.82 7.93 7.66
C ASP B 72 21.61 8.00 6.36
N ASP B 73 21.28 7.16 5.38
CA ASP B 73 21.97 7.23 4.10
C ASP B 73 21.45 8.50 3.44
N ILE B 74 22.21 9.04 2.49
CA ILE B 74 21.79 10.25 1.80
C ILE B 74 21.18 9.90 0.45
N VAL B 75 20.01 10.48 0.17
CA VAL B 75 19.34 10.25 -1.10
C VAL B 75 19.04 11.60 -1.77
N LEU B 76 19.51 11.77 -3.00
CA LEU B 76 19.27 13.00 -3.74
C LEU B 76 17.88 12.92 -4.34
N ALA B 77 17.21 14.06 -4.47
CA ALA B 77 15.86 14.07 -5.03
C ALA B 77 15.47 15.40 -5.65
N SER B 78 14.52 15.34 -6.58
CA SER B 78 14.02 16.53 -7.24
C SER B 78 13.23 17.32 -6.19
N SER B 79 13.36 18.64 -6.19
CA SER B 79 12.62 19.45 -5.23
C SER B 79 11.23 19.77 -5.80
N PHE B 80 11.19 20.05 -7.10
CA PHE B 80 9.96 20.39 -7.80
C PHE B 80 9.30 19.05 -8.14
N THR B 81 8.40 18.60 -7.26
CA THR B 81 7.74 17.31 -7.43
C THR B 81 6.60 17.15 -6.41
N PHE B 82 5.98 15.98 -6.41
CA PHE B 82 4.89 15.66 -5.50
C PHE B 82 5.56 14.90 -4.35
N ILE B 83 5.15 15.16 -3.11
CA ILE B 83 5.77 14.51 -1.96
C ILE B 83 5.73 12.97 -2.01
N ALA B 84 4.77 12.40 -2.71
CA ALA B 84 4.68 10.95 -2.81
C ALA B 84 5.97 10.36 -3.38
N SER B 85 6.70 11.17 -4.15
CA SER B 85 7.95 10.72 -4.77
C SER B 85 9.12 10.68 -3.79
N VAL B 86 9.03 11.42 -2.70
CA VAL B 86 10.15 11.43 -1.75
C VAL B 86 9.83 10.87 -0.38
N ALA B 87 8.55 10.66 -0.10
CA ALA B 87 8.15 10.10 1.19
C ALA B 87 8.91 8.81 1.53
N PRO B 88 9.17 7.95 0.53
CA PRO B 88 9.89 6.70 0.83
C PRO B 88 11.24 6.94 1.51
N ILE B 89 11.85 8.09 1.26
CA ILE B 89 13.13 8.43 1.87
C ILE B 89 12.87 8.49 3.38
N CYS B 90 11.75 9.11 3.75
CA CYS B 90 11.35 9.24 5.15
C CYS B 90 11.04 7.88 5.76
N TYR B 91 10.41 6.99 4.98
CA TYR B 91 10.05 5.65 5.47
C TYR B 91 11.29 4.90 5.93
N LEU B 92 12.38 5.03 5.19
CA LEU B 92 13.61 4.32 5.54
C LEU B 92 14.50 5.15 6.46
N LYS B 93 14.00 6.31 6.86
CA LYS B 93 14.73 7.22 7.74
C LYS B 93 16.06 7.66 7.15
N ALA B 94 16.07 7.80 5.83
CA ALA B 94 17.26 8.27 5.12
C ALA B 94 17.20 9.79 5.11
N LYS B 95 18.27 10.43 4.63
CA LYS B 95 18.33 11.88 4.59
C LYS B 95 18.22 12.43 3.18
N PRO B 96 17.22 13.29 2.94
CA PRO B 96 17.06 13.86 1.60
C PRO B 96 17.85 15.15 1.37
N VAL B 97 18.30 15.33 0.14
CA VAL B 97 19.01 16.52 -0.29
C VAL B 97 18.28 16.91 -1.57
N PHE B 98 17.59 18.05 -1.55
CA PHE B 98 16.81 18.47 -2.70
C PHE B 98 17.54 19.36 -3.70
N ILE B 99 17.21 19.18 -4.97
CA ILE B 99 17.83 19.91 -6.06
C ILE B 99 16.80 20.64 -6.93
N ASP B 100 17.07 21.92 -7.21
CA ASP B 100 16.16 22.74 -8.02
C ASP B 100 16.15 22.27 -9.47
N CYS B 101 15.27 22.86 -10.26
CA CYS B 101 15.07 22.46 -11.66
C CYS B 101 15.59 23.43 -12.72
N ASP B 102 15.54 22.97 -13.97
CA ASP B 102 15.95 23.76 -15.13
C ASP B 102 14.72 24.06 -16.00
N GLU B 103 14.96 24.49 -17.23
CA GLU B 103 13.87 24.84 -18.14
C GLU B 103 12.95 23.68 -18.55
N THR B 104 13.31 22.46 -18.16
CA THR B 104 12.47 21.30 -18.50
C THR B 104 11.55 20.95 -17.33
N TYR B 105 11.72 21.66 -16.21
CA TYR B 105 10.95 21.43 -14.98
C TYR B 105 11.68 20.38 -14.14
N ASN B 106 12.76 19.82 -14.66
CA ASN B 106 13.48 18.77 -13.95
C ASN B 106 14.83 19.20 -13.40
N ILE B 107 15.43 18.32 -12.59
CA ILE B 107 16.70 18.60 -11.94
C ILE B 107 17.75 19.24 -12.84
N ASP B 108 18.32 20.33 -12.34
CA ASP B 108 19.35 21.06 -13.07
C ASP B 108 20.66 20.31 -12.95
N VAL B 109 21.29 20.03 -14.07
CA VAL B 109 22.55 19.29 -14.11
C VAL B 109 23.66 19.90 -13.26
N ASP B 110 23.86 21.21 -13.36
CA ASP B 110 24.92 21.85 -12.59
C ASP B 110 24.68 21.81 -11.08
N LEU B 111 23.43 21.95 -10.66
CA LEU B 111 23.13 21.90 -9.23
C LEU B 111 23.34 20.47 -8.73
N LEU B 112 23.05 19.49 -9.59
CA LEU B 112 23.24 18.09 -9.22
C LEU B 112 24.71 17.81 -8.95
N LYS B 113 25.58 18.28 -9.84
CA LYS B 113 27.02 18.08 -9.67
C LYS B 113 27.49 18.76 -8.39
N LEU B 114 27.02 19.99 -8.15
CA LEU B 114 27.39 20.75 -6.97
C LEU B 114 27.02 20.02 -5.68
N ALA B 115 25.79 19.51 -5.62
CA ALA B 115 25.32 18.78 -4.44
C ALA B 115 26.22 17.58 -4.18
N ILE B 116 26.55 16.85 -5.24
CA ILE B 116 27.40 15.67 -5.12
C ILE B 116 28.80 16.06 -4.66
N LYS B 117 29.32 17.18 -5.17
CA LYS B 117 30.64 17.64 -4.80
C LYS B 117 30.71 18.02 -3.32
N GLU B 118 29.66 18.66 -2.81
CA GLU B 118 29.62 19.09 -1.42
C GLU B 118 29.19 18.05 -0.39
N CYS B 119 28.57 16.97 -0.82
CA CYS B 119 28.13 15.94 0.12
C CYS B 119 29.21 15.45 1.06
N GLU B 120 28.90 15.45 2.35
CA GLU B 120 29.83 14.99 3.38
C GLU B 120 30.19 13.55 3.10
N LYS B 121 29.20 12.78 2.67
CA LYS B 121 29.41 11.39 2.32
C LYS B 121 28.65 11.06 1.03
N LYS B 122 29.17 10.11 0.28
CA LYS B 122 28.57 9.72 -0.99
C LYS B 122 27.09 9.35 -0.92
N PRO B 123 26.25 10.00 -1.74
CA PRO B 123 24.82 9.70 -1.74
C PRO B 123 24.60 8.30 -2.32
N LYS B 124 23.65 7.56 -1.77
CA LYS B 124 23.38 6.21 -2.22
C LYS B 124 22.56 6.16 -3.52
N ALA B 125 21.63 7.10 -3.66
CA ALA B 125 20.78 7.11 -4.83
C ALA B 125 20.22 8.48 -5.15
N LEU B 126 19.60 8.57 -6.33
CA LEU B 126 18.97 9.79 -6.79
C LEU B 126 17.57 9.45 -7.30
N ILE B 127 16.56 10.10 -6.75
CA ILE B 127 15.19 9.89 -7.22
C ILE B 127 14.95 11.07 -8.17
N LEU B 128 14.89 10.78 -9.46
CA LEU B 128 14.70 11.80 -10.48
C LEU B 128 13.27 11.83 -10.99
N THR B 129 12.59 12.95 -10.80
CA THR B 129 11.23 13.07 -11.27
C THR B 129 11.20 13.66 -12.69
N HIS B 130 10.31 13.14 -13.53
CA HIS B 130 10.12 13.65 -14.89
C HIS B 130 8.78 14.37 -14.75
N LEU B 131 8.84 15.63 -14.34
CA LEU B 131 7.66 16.43 -14.06
C LEU B 131 6.73 16.72 -15.23
N TYR B 132 5.44 16.49 -14.99
CA TYR B 132 4.40 16.69 -15.99
C TYR B 132 4.70 15.93 -17.27
N GLY B 133 5.52 14.88 -17.15
CA GLY B 133 5.86 14.08 -18.31
C GLY B 133 7.09 14.50 -19.09
N ASN B 134 7.63 15.69 -18.80
CA ASN B 134 8.81 16.17 -19.53
C ASN B 134 10.07 15.38 -19.21
N ALA B 135 10.86 15.11 -20.24
CA ALA B 135 12.10 14.37 -20.04
C ALA B 135 13.18 15.27 -19.44
N ALA B 136 13.97 14.71 -18.55
CA ALA B 136 15.08 15.44 -17.93
C ALA B 136 16.27 15.25 -18.88
N LYS B 137 17.38 15.93 -18.61
CA LYS B 137 18.57 15.79 -19.46
C LYS B 137 19.25 14.48 -19.12
N MET B 138 18.72 13.40 -19.68
CA MET B 138 19.19 12.06 -19.42
C MET B 138 20.63 11.68 -19.71
N ASP B 139 21.16 12.07 -20.87
CA ASP B 139 22.55 11.71 -21.15
C ASP B 139 23.48 12.23 -20.05
N GLU B 140 23.29 13.48 -19.66
CA GLU B 140 24.13 14.07 -18.62
C GLU B 140 23.90 13.45 -17.24
N ILE B 141 22.64 13.29 -16.86
CA ILE B 141 22.31 12.74 -15.55
C ILE B 141 22.76 11.29 -15.39
N VAL B 142 22.55 10.46 -16.42
CA VAL B 142 22.97 9.07 -16.36
C VAL B 142 24.49 8.97 -16.17
N GLU B 143 25.22 9.82 -16.88
CA GLU B 143 26.67 9.84 -16.80
C GLU B 143 27.13 10.28 -15.41
N ILE B 144 26.51 11.33 -14.88
CA ILE B 144 26.85 11.82 -13.56
C ILE B 144 26.67 10.74 -12.50
N CYS B 145 25.55 10.02 -12.56
CA CYS B 145 25.29 8.95 -11.60
C CYS B 145 26.27 7.80 -11.76
N LYS B 146 26.61 7.49 -13.00
CA LYS B 146 27.55 6.41 -13.28
C LYS B 146 28.93 6.73 -12.71
N GLU B 147 29.44 7.92 -13.02
CA GLU B 147 30.75 8.35 -12.55
C GLU B 147 30.85 8.44 -11.03
N ASN B 148 29.74 8.65 -10.36
CA ASN B 148 29.74 8.78 -8.91
C ASN B 148 29.19 7.57 -8.17
N ASP B 149 28.87 6.51 -8.92
CA ASP B 149 28.33 5.28 -8.36
C ASP B 149 27.04 5.54 -7.58
N ILE B 150 26.15 6.34 -8.17
CA ILE B 150 24.88 6.65 -7.53
C ILE B 150 23.78 5.89 -8.26
N VAL B 151 22.92 5.21 -7.51
CA VAL B 151 21.83 4.46 -8.13
C VAL B 151 20.79 5.43 -8.66
N LEU B 152 20.50 5.37 -9.95
CA LEU B 152 19.50 6.25 -10.54
C LEU B 152 18.12 5.60 -10.51
N ILE B 153 17.17 6.25 -9.83
CA ILE B 153 15.81 5.75 -9.75
C ILE B 153 14.91 6.79 -10.41
N GLU B 154 14.23 6.40 -11.49
CA GLU B 154 13.37 7.34 -12.19
C GLU B 154 11.94 7.35 -11.70
N ASP B 155 11.48 8.51 -11.24
CA ASP B 155 10.10 8.65 -10.83
C ASP B 155 9.38 9.13 -12.09
N ALA B 156 8.87 8.18 -12.86
CA ALA B 156 8.17 8.50 -14.10
C ALA B 156 6.67 8.31 -13.89
N ALA B 157 6.19 8.62 -12.69
CA ALA B 157 4.78 8.47 -12.36
C ALA B 157 3.83 9.17 -13.33
N GLU B 158 4.25 10.33 -13.84
CA GLU B 158 3.43 11.06 -14.80
C GLU B 158 4.08 11.06 -16.17
N ALA B 159 5.08 10.21 -16.35
CA ALA B 159 5.81 10.17 -17.61
C ALA B 159 5.70 8.90 -18.45
N LEU B 160 4.69 8.08 -18.19
CA LEU B 160 4.50 6.87 -19.00
C LEU B 160 4.05 7.36 -20.38
N GLY B 161 4.81 7.03 -21.41
CA GLY B 161 4.46 7.49 -22.75
C GLY B 161 5.45 8.55 -23.21
N SER B 162 6.31 8.99 -22.29
CA SER B 162 7.32 9.99 -22.60
C SER B 162 8.60 9.28 -23.02
N PHE B 163 9.34 9.90 -23.94
CA PHE B 163 10.59 9.33 -24.45
C PHE B 163 11.71 10.35 -24.53
N TYR B 164 12.94 9.86 -24.48
CA TYR B 164 14.14 10.67 -24.60
C TYR B 164 14.96 9.94 -25.66
N LYS B 165 15.17 10.59 -26.81
CA LYS B 165 15.91 9.97 -27.91
C LYS B 165 15.34 8.58 -28.21
N ASN B 166 14.01 8.51 -28.32
CA ASN B 166 13.29 7.27 -28.62
C ASN B 166 13.42 6.14 -27.62
N LYS B 167 13.84 6.46 -26.40
CA LYS B 167 13.96 5.46 -25.36
C LYS B 167 12.98 5.89 -24.26
N ALA B 168 12.17 4.96 -23.80
CA ALA B 168 11.15 5.24 -22.79
C ALA B 168 11.69 5.72 -21.46
N LEU B 169 11.13 6.82 -20.97
CA LEU B 169 11.54 7.34 -19.67
C LEU B 169 11.21 6.24 -18.68
N GLY B 170 12.09 6.05 -17.70
CA GLY B 170 11.89 5.01 -16.71
C GLY B 170 12.84 3.85 -16.96
N THR B 171 13.40 3.76 -18.17
CA THR B 171 14.32 2.68 -18.51
C THR B 171 15.78 3.10 -18.55
N PHE B 172 16.08 4.32 -18.10
CA PHE B 172 17.46 4.81 -18.08
C PHE B 172 18.11 4.46 -16.75
N GLY B 173 17.32 4.53 -15.69
CA GLY B 173 17.85 4.24 -14.37
C GLY B 173 17.87 2.75 -14.07
N GLU B 174 18.44 2.40 -12.92
CA GLU B 174 18.50 1.02 -12.49
C GLU B 174 17.06 0.60 -12.22
N PHE B 175 16.26 1.58 -11.80
CA PHE B 175 14.84 1.37 -11.50
C PHE B 175 14.01 2.51 -12.06
N GLY B 176 12.76 2.21 -12.40
CA GLY B 176 11.85 3.21 -12.93
C GLY B 176 10.47 2.94 -12.39
N VAL B 177 9.67 3.98 -12.20
CA VAL B 177 8.33 3.79 -11.65
C VAL B 177 7.28 4.52 -12.46
N TYR B 178 6.14 3.86 -12.70
CA TYR B 178 5.03 4.44 -13.44
C TYR B 178 3.78 4.43 -12.55
N SER B 179 2.89 5.39 -12.77
CA SER B 179 1.64 5.46 -12.01
C SER B 179 0.49 5.46 -13.02
N TYR B 180 -0.72 5.19 -12.57
CA TYR B 180 -1.84 5.12 -13.51
C TYR B 180 -3.13 5.92 -13.32
N ASN B 181 -3.38 6.49 -12.14
CA ASN B 181 -4.64 7.18 -11.98
C ASN B 181 -4.71 8.59 -11.41
N GLY B 182 -3.68 9.39 -11.61
CA GLY B 182 -3.73 10.76 -11.12
C GLY B 182 -3.59 10.94 -9.63
N ASN B 183 -3.88 12.14 -9.16
CA ASN B 183 -3.73 12.47 -7.74
C ASN B 183 -4.97 12.81 -6.92
N LYS B 184 -6.17 12.52 -7.42
CA LYS B 184 -7.37 12.79 -6.65
C LYS B 184 -7.25 12.09 -5.31
N ILE B 185 -7.78 12.70 -4.25
CA ILE B 185 -7.71 12.13 -2.91
C ILE B 185 -8.20 10.67 -2.91
N ILE B 186 -9.17 10.40 -3.78
CA ILE B 186 -9.71 9.05 -3.95
C ILE B 186 -9.90 8.86 -5.45
N THR B 187 -9.34 7.77 -5.97
CA THR B 187 -9.45 7.50 -7.41
C THR B 187 -10.27 6.25 -7.70
N THR B 188 -10.73 6.14 -8.95
CA THR B 188 -11.53 5.00 -9.38
C THR B 188 -10.73 3.71 -9.27
N SER B 189 -9.53 3.73 -9.83
CA SER B 189 -8.64 2.59 -9.81
C SER B 189 -7.37 2.99 -9.09
N GLY B 190 -6.37 2.12 -9.13
CA GLY B 190 -5.12 2.42 -8.49
C GLY B 190 -4.06 1.50 -9.02
N GLY B 191 -2.79 1.78 -8.70
CA GLY B 191 -1.73 0.92 -9.16
C GLY B 191 -0.46 1.66 -9.54
N GLY B 192 0.64 0.91 -9.52
CA GLY B 192 1.92 1.47 -9.86
C GLY B 192 2.71 0.34 -10.47
N MET B 193 3.80 0.66 -11.15
CA MET B 193 4.62 -0.38 -11.76
C MET B 193 6.08 -0.07 -11.49
N LEU B 194 6.83 -1.07 -11.05
CA LEU B 194 8.26 -0.89 -10.81
C LEU B 194 8.94 -1.67 -11.93
N ILE B 195 9.82 -1.03 -12.67
CA ILE B 195 10.55 -1.73 -13.72
C ILE B 195 12.02 -1.58 -13.37
N GLY B 196 12.88 -2.40 -13.99
CA GLY B 196 14.28 -2.28 -13.67
C GLY B 196 15.14 -3.12 -14.58
N LYS B 197 16.44 -2.85 -14.56
CA LYS B 197 17.41 -3.53 -15.40
C LYS B 197 17.91 -4.85 -14.84
N ASN B 198 17.95 -4.96 -13.52
CA ASN B 198 18.46 -6.17 -12.88
C ASN B 198 17.35 -7.12 -12.47
N LYS B 199 17.30 -8.28 -13.10
CA LYS B 199 16.26 -9.26 -12.80
C LYS B 199 16.27 -9.71 -11.35
N GLU B 200 17.45 -9.93 -10.79
CA GLU B 200 17.55 -10.38 -9.40
C GLU B 200 16.99 -9.33 -8.43
N LYS B 201 17.29 -8.06 -8.70
CA LYS B 201 16.82 -6.97 -7.84
C LYS B 201 15.30 -6.84 -7.94
N ILE B 202 14.76 -6.94 -9.15
CA ILE B 202 13.32 -6.84 -9.33
C ILE B 202 12.62 -8.04 -8.71
N GLU B 203 13.24 -9.21 -8.79
CA GLU B 203 12.62 -10.38 -8.20
C GLU B 203 12.68 -10.32 -6.66
N LYS B 204 13.65 -9.58 -6.13
CA LYS B 204 13.78 -9.42 -4.68
C LYS B 204 12.63 -8.50 -4.25
N ALA B 205 12.33 -7.52 -5.10
CA ALA B 205 11.24 -6.59 -4.80
C ALA B 205 9.91 -7.35 -4.86
N ARG B 206 9.82 -8.30 -5.79
CA ARG B 206 8.60 -9.08 -5.94
C ARG B 206 8.42 -9.89 -4.65
N PHE B 207 9.55 -10.28 -4.05
CA PHE B 207 9.61 -11.05 -2.79
C PHE B 207 9.10 -10.18 -1.62
N TYR B 208 9.63 -8.97 -1.53
CA TYR B 208 9.23 -8.01 -0.50
C TYR B 208 7.77 -7.58 -0.65
N SER B 209 7.28 -7.54 -1.89
CA SER B 209 5.91 -7.09 -2.15
C SER B 209 4.82 -8.02 -1.61
N THR B 210 5.19 -9.25 -1.26
CA THR B 210 4.22 -10.20 -0.72
C THR B 210 4.61 -10.80 0.64
N GLN B 211 5.02 -9.92 1.55
CA GLN B 211 5.38 -10.28 2.92
C GLN B 211 6.62 -11.15 3.09
N ALA B 212 7.53 -11.11 2.11
CA ALA B 212 8.78 -11.87 2.19
C ALA B 212 8.60 -13.33 2.57
N ARG B 213 7.80 -14.06 1.79
CA ARG B 213 7.56 -15.47 2.06
C ARG B 213 8.59 -16.35 1.34
N GLU B 214 9.15 -17.32 2.04
CA GLU B 214 10.09 -18.22 1.39
C GLU B 214 9.23 -19.16 0.55
N ASN B 215 9.81 -19.77 -0.47
CA ASN B 215 9.01 -20.67 -1.30
C ASN B 215 8.91 -22.07 -0.72
N CYS B 216 7.82 -22.29 0.03
CA CYS B 216 7.55 -23.59 0.64
C CYS B 216 6.10 -23.66 1.10
N LEU B 217 5.65 -24.87 1.40
CA LEU B 217 4.27 -25.10 1.82
C LEU B 217 3.80 -24.20 2.95
N HIS B 218 4.57 -24.13 4.03
CA HIS B 218 4.21 -23.30 5.17
C HIS B 218 4.77 -21.89 5.03
N TYR B 219 4.54 -21.06 6.03
CA TYR B 219 5.05 -19.69 6.02
C TYR B 219 6.38 -19.61 6.75
N GLU B 220 7.43 -19.28 6.01
CA GLU B 220 8.78 -19.14 6.58
C GLU B 220 9.32 -17.79 6.15
N HIS B 221 9.92 -17.05 7.08
CA HIS B 221 10.41 -15.72 6.77
C HIS B 221 11.83 -15.44 7.25
N LEU B 222 12.69 -15.01 6.33
CA LEU B 222 14.07 -14.66 6.65
C LEU B 222 14.16 -13.15 6.82
N ASP B 223 13.16 -12.44 6.32
CA ASP B 223 13.13 -10.98 6.41
C ASP B 223 11.66 -10.59 6.49
N TYR B 224 11.40 -9.29 6.63
CA TYR B 224 10.02 -8.82 6.68
C TYR B 224 9.77 -8.06 5.38
N GLY B 225 8.51 -8.07 4.96
CA GLY B 225 8.14 -7.39 3.73
C GLY B 225 6.92 -6.52 3.90
N TYR B 226 6.13 -6.43 2.83
CA TYR B 226 4.94 -5.59 2.80
C TYR B 226 3.82 -6.24 2.00
N ASN B 227 2.66 -5.60 1.98
CA ASN B 227 1.55 -6.10 1.16
C ASN B 227 1.40 -5.00 0.12
N TYR B 228 2.21 -5.08 -0.93
CA TYR B 228 2.21 -4.09 -2.00
C TYR B 228 1.77 -4.64 -3.35
N ARG B 229 1.52 -5.94 -3.42
CA ARG B 229 1.15 -6.55 -4.70
C ARG B 229 -0.23 -6.14 -5.19
N LEU B 230 -0.31 -5.78 -6.47
CA LEU B 230 -1.57 -5.35 -7.08
C LEU B 230 -2.58 -6.50 -7.15
N SER B 231 -3.86 -6.18 -7.05
CA SER B 231 -4.91 -7.19 -7.12
C SER B 231 -5.21 -7.50 -8.59
N ASN B 232 -5.81 -8.66 -8.84
CA ASN B 232 -6.13 -9.07 -10.20
C ASN B 232 -7.14 -8.12 -10.87
N VAL B 233 -8.07 -7.59 -10.08
CA VAL B 233 -9.07 -6.67 -10.64
C VAL B 233 -8.43 -5.36 -11.12
N LEU B 234 -7.51 -4.82 -10.32
CA LEU B 234 -6.85 -3.57 -10.74
C LEU B 234 -5.88 -3.87 -11.86
N GLY B 235 -5.39 -5.11 -11.90
CA GLY B 235 -4.48 -5.50 -12.96
C GLY B 235 -5.24 -5.49 -14.28
N ALA B 236 -6.49 -5.94 -14.23
CA ALA B 236 -7.33 -5.98 -15.43
C ALA B 236 -7.53 -4.56 -15.95
N ILE B 237 -7.76 -3.62 -15.05
CA ILE B 237 -7.94 -2.23 -15.44
C ILE B 237 -6.64 -1.68 -16.02
N GLY B 238 -5.52 -2.09 -15.42
CA GLY B 238 -4.22 -1.64 -15.89
C GLY B 238 -3.96 -2.06 -17.32
N VAL B 239 -4.29 -3.31 -17.64
CA VAL B 239 -4.11 -3.82 -19.00
C VAL B 239 -4.90 -2.99 -20.00
N ALA B 240 -6.15 -2.70 -19.66
CA ALA B 240 -7.02 -1.92 -20.51
C ALA B 240 -6.44 -0.52 -20.73
N GLN B 241 -5.89 0.06 -19.66
CA GLN B 241 -5.31 1.39 -19.76
C GLN B 241 -4.06 1.39 -20.65
N MET B 242 -3.26 0.34 -20.56
CA MET B 242 -2.06 0.25 -21.38
C MET B 242 -2.39 0.07 -22.86
N GLU B 243 -3.47 -0.65 -23.15
CA GLU B 243 -3.84 -0.89 -24.55
C GLU B 243 -4.21 0.38 -25.31
N VAL B 244 -4.67 1.40 -24.58
CA VAL B 244 -5.04 2.65 -25.22
C VAL B 244 -4.09 3.80 -24.85
N LEU B 245 -3.00 3.47 -24.15
CA LEU B 245 -2.04 4.49 -23.74
C LEU B 245 -1.53 5.35 -24.89
N GLU B 246 -1.05 4.72 -25.95
CA GLU B 246 -0.50 5.49 -27.06
C GLU B 246 -1.53 6.46 -27.66
N GLN B 247 -2.77 6.02 -27.81
CA GLN B 247 -3.82 6.88 -28.35
C GLN B 247 -4.02 8.09 -27.44
N ARG B 248 -4.05 7.84 -26.13
CA ARG B 248 -4.24 8.89 -25.14
C ARG B 248 -3.12 9.91 -25.24
N VAL B 249 -1.89 9.43 -25.28
CA VAL B 249 -0.73 10.32 -25.38
C VAL B 249 -0.81 11.22 -26.60
N LEU B 250 -1.17 10.66 -27.75
CA LEU B 250 -1.27 11.47 -28.96
C LEU B 250 -2.33 12.56 -28.76
N LYS B 251 -3.42 12.23 -28.07
CA LYS B 251 -4.47 13.21 -27.84
C LYS B 251 -4.01 14.29 -26.86
N LYS B 252 -3.26 13.87 -25.83
CA LYS B 252 -2.73 14.81 -24.84
C LYS B 252 -1.86 15.83 -25.55
N ARG B 253 -1.03 15.35 -26.47
CA ARG B 253 -0.13 16.22 -27.21
C ARG B 253 -0.90 17.17 -28.14
N GLU B 254 -2.01 16.70 -28.69
CA GLU B 254 -2.84 17.54 -29.55
C GLU B 254 -3.41 18.68 -28.71
N ILE B 255 -3.90 18.34 -27.53
CA ILE B 255 -4.49 19.32 -26.62
C ILE B 255 -3.47 20.37 -26.21
N TYR B 256 -2.24 19.93 -25.95
CA TYR B 256 -1.18 20.84 -25.57
C TYR B 256 -0.94 21.84 -26.70
N GLU B 257 -0.91 21.33 -27.93
CA GLU B 257 -0.69 22.19 -29.09
C GLU B 257 -1.83 23.17 -29.31
N TRP B 258 -3.06 22.76 -29.01
CA TRP B 258 -4.20 23.67 -29.18
C TRP B 258 -4.11 24.81 -28.16
N TYR B 259 -3.76 24.48 -26.92
CA TYR B 259 -3.62 25.51 -25.91
C TYR B 259 -2.53 26.49 -26.32
N LYS B 260 -1.43 25.95 -26.86
CA LYS B 260 -0.31 26.78 -27.29
C LYS B 260 -0.75 27.71 -28.42
N GLU B 261 -1.61 27.20 -29.29
CA GLU B 261 -2.10 27.98 -30.42
C GLU B 261 -3.02 29.11 -29.96
N PHE B 262 -3.90 28.82 -29.00
CA PHE B 262 -4.84 29.81 -28.51
C PHE B 262 -4.32 30.75 -27.44
N LEU B 263 -3.36 30.28 -26.63
CA LEU B 263 -2.81 31.10 -25.55
C LEU B 263 -1.34 31.48 -25.69
N GLY B 264 -0.70 30.99 -26.74
CA GLY B 264 0.72 31.26 -26.95
C GLY B 264 1.21 32.69 -26.95
N GLU B 265 0.31 33.65 -27.13
CA GLU B 265 0.69 35.05 -27.15
C GLU B 265 0.88 35.63 -25.75
N TYR B 266 0.20 35.04 -24.76
CA TYR B 266 0.30 35.53 -23.39
C TYR B 266 0.94 34.53 -22.42
N PHE B 267 0.91 33.25 -22.77
CA PHE B 267 1.51 32.23 -21.92
C PHE B 267 2.69 31.56 -22.61
N SER B 268 3.67 31.16 -21.80
CA SER B 268 4.85 30.49 -22.34
C SER B 268 4.71 29.00 -22.14
N PHE B 269 4.89 28.24 -23.23
CA PHE B 269 4.81 26.79 -23.18
C PHE B 269 6.23 26.31 -23.53
N LEU B 270 7.05 26.11 -22.52
CA LEU B 270 8.44 25.68 -22.70
C LEU B 270 8.58 24.41 -23.53
N ASP B 271 9.51 24.43 -24.48
CA ASP B 271 9.73 23.29 -25.36
C ASP B 271 10.32 22.07 -24.69
N GLU B 272 9.97 20.91 -25.22
CA GLU B 272 10.48 19.66 -24.72
C GLU B 272 11.93 19.61 -25.21
N LEU B 273 12.75 18.80 -24.56
CA LEU B 273 14.15 18.65 -24.94
C LEU B 273 14.22 18.18 -26.41
N GLU B 274 15.29 18.55 -27.11
CA GLU B 274 15.43 18.13 -28.50
C GLU B 274 15.50 16.61 -28.57
N ASN B 275 14.80 16.04 -29.55
CA ASN B 275 14.77 14.60 -29.75
C ASN B 275 14.04 13.84 -28.63
N SER B 276 13.26 14.55 -27.83
CA SER B 276 12.52 13.90 -26.77
C SER B 276 11.05 14.01 -27.10
N ARG B 277 10.23 13.25 -26.39
CA ARG B 277 8.80 13.28 -26.60
C ARG B 277 8.09 13.27 -25.26
N SER B 278 7.53 14.42 -24.88
CA SER B 278 6.81 14.52 -23.62
C SER B 278 5.39 14.04 -23.86
N ASN B 279 4.85 13.28 -22.93
CA ASN B 279 3.49 12.78 -23.07
C ASN B 279 2.47 13.88 -22.76
N ARG B 280 2.96 15.03 -22.32
CA ARG B 280 2.09 16.17 -21.99
C ARG B 280 0.85 15.71 -21.25
N TRP B 281 1.03 14.79 -20.30
CA TRP B 281 -0.10 14.26 -19.56
C TRP B 281 -0.91 15.36 -18.89
N LEU B 282 -0.25 16.47 -18.57
CA LEU B 282 -0.93 17.62 -18.01
C LEU B 282 -0.37 18.84 -18.73
N SER B 283 -1.24 19.65 -19.31
CA SER B 283 -0.80 20.84 -20.01
C SER B 283 -0.54 21.93 -18.97
N THR B 284 0.63 22.54 -19.04
CA THR B 284 0.97 23.62 -18.11
C THR B 284 1.52 24.78 -18.91
N ALA B 285 1.42 25.98 -18.35
CA ALA B 285 1.90 27.17 -19.00
C ALA B 285 2.30 28.22 -17.97
N LEU B 286 3.12 29.17 -18.39
CA LEU B 286 3.60 30.23 -17.50
C LEU B 286 3.17 31.60 -18.03
N ILE B 287 2.65 32.43 -17.13
CA ILE B 287 2.19 33.76 -17.51
C ILE B 287 3.29 34.81 -17.31
N ASN B 288 3.29 35.84 -18.16
CA ASN B 288 4.29 36.91 -18.12
C ASN B 288 5.68 36.36 -17.83
N PHE B 289 6.08 35.36 -18.60
CA PHE B 289 7.38 34.72 -18.40
C PHE B 289 8.34 34.91 -19.58
N ASP B 290 9.62 34.98 -19.25
CA ASP B 290 10.67 35.11 -20.25
C ASP B 290 11.88 34.33 -19.76
N LYS B 291 12.54 33.63 -20.67
CA LYS B 291 13.71 32.82 -20.32
C LYS B 291 14.80 33.58 -19.56
N ASN B 292 14.80 34.90 -19.69
CA ASN B 292 15.81 35.72 -19.00
C ASN B 292 15.69 35.74 -17.48
N GLU B 293 14.56 35.34 -16.94
CA GLU B 293 14.40 35.34 -15.49
C GLU B 293 14.74 33.99 -14.86
N LEU B 294 15.30 33.10 -15.67
CA LEU B 294 15.70 31.77 -15.21
C LEU B 294 17.06 31.85 -14.53
N ASN B 295 17.28 31.01 -13.52
CA ASN B 295 18.53 30.98 -12.77
C ASN B 295 18.90 32.33 -12.17
N ALA B 296 17.94 32.99 -11.57
CA ALA B 296 18.16 34.30 -10.98
C ALA B 296 18.67 34.29 -9.55
N CYS B 297 18.24 33.31 -8.76
CA CYS B 297 18.64 33.24 -7.36
C CYS B 297 19.36 31.94 -7.00
N GLN B 298 20.68 31.94 -7.13
CA GLN B 298 21.46 30.75 -6.84
C GLN B 298 21.98 30.72 -5.39
N LYS B 299 21.69 29.61 -4.71
CA LYS B 299 22.10 29.46 -3.32
C LYS B 299 21.65 28.11 -2.79
N ASP B 300 22.15 27.75 -1.62
CA ASP B 300 21.71 26.52 -0.98
C ASP B 300 21.22 26.94 0.40
N ILE B 301 20.27 26.19 0.93
CA ILE B 301 19.69 26.54 2.22
C ILE B 301 19.45 25.33 3.11
N ASN B 302 19.09 25.62 4.35
CA ASN B 302 18.69 24.60 5.30
C ASN B 302 17.19 24.90 5.23
N ILE B 303 16.43 23.97 4.67
CA ILE B 303 15.00 24.14 4.47
C ILE B 303 14.18 24.65 5.65
N SER B 304 13.28 25.58 5.32
CA SER B 304 12.36 26.19 6.27
C SER B 304 11.07 26.37 5.47
N GLN B 305 9.91 26.27 6.13
CA GLN B 305 8.65 26.45 5.42
C GLN B 305 8.67 27.82 4.77
N LYS B 306 8.13 27.92 3.57
CA LYS B 306 8.11 29.19 2.86
C LYS B 306 6.81 29.36 2.07
N ASN B 307 6.15 30.49 2.30
CA ASN B 307 4.91 30.80 1.61
C ASN B 307 5.29 31.51 0.32
N ILE B 308 4.67 31.13 -0.79
CA ILE B 308 4.93 31.75 -2.08
C ILE B 308 3.61 32.26 -2.63
N THR B 309 3.55 33.57 -2.85
CA THR B 309 2.34 34.18 -3.38
C THR B 309 2.26 33.96 -4.89
N LEU B 310 1.12 33.45 -5.34
CA LEU B 310 0.91 33.22 -6.76
C LEU B 310 0.86 34.56 -7.49
N HIS B 311 1.26 34.57 -8.75
CA HIS B 311 1.20 35.79 -9.55
C HIS B 311 -0.26 36.24 -9.53
N PRO B 312 -0.50 37.55 -9.36
CA PRO B 312 -1.85 38.09 -9.33
C PRO B 312 -2.81 37.54 -10.39
N LYS B 313 -2.33 37.43 -11.61
CA LYS B 313 -3.16 36.92 -12.71
C LYS B 313 -3.49 35.45 -12.59
N ILE B 314 -2.58 34.66 -12.01
CA ILE B 314 -2.81 33.23 -11.86
C ILE B 314 -3.90 32.96 -10.83
N SER B 315 -3.78 33.57 -9.66
CA SER B 315 -4.78 33.37 -8.60
C SER B 315 -6.17 33.78 -9.09
N LYS B 316 -6.24 34.89 -9.82
CA LYS B 316 -7.52 35.38 -10.34
C LYS B 316 -8.04 34.42 -11.40
N LEU B 317 -7.14 33.93 -12.23
CA LEU B 317 -7.49 33.00 -13.29
C LEU B 317 -8.16 31.75 -12.70
N ILE B 318 -7.52 31.18 -11.68
CA ILE B 318 -8.06 29.98 -11.04
C ILE B 318 -9.45 30.26 -10.48
N GLU B 319 -9.61 31.42 -9.85
CA GLU B 319 -10.90 31.82 -9.28
C GLU B 319 -11.98 31.94 -10.34
N ASP B 320 -11.70 32.70 -11.40
CA ASP B 320 -12.66 32.89 -12.46
C ASP B 320 -13.12 31.58 -13.09
N LEU B 321 -12.17 30.73 -13.46
CA LEU B 321 -12.51 29.45 -14.07
C LEU B 321 -13.32 28.58 -13.13
N LYS B 322 -13.02 28.65 -11.83
CA LYS B 322 -13.76 27.86 -10.85
C LYS B 322 -15.22 28.29 -10.81
N ASN B 323 -15.47 29.58 -10.99
CA ASN B 323 -16.84 30.09 -10.97
C ASN B 323 -17.56 29.64 -12.24
N LYS B 324 -16.78 29.18 -13.22
CA LYS B 324 -17.32 28.70 -14.48
C LYS B 324 -17.31 27.18 -14.47
N GLN B 325 -17.13 26.63 -13.27
CA GLN B 325 -17.12 25.19 -13.07
C GLN B 325 -15.95 24.51 -13.78
N ILE B 326 -14.90 25.27 -14.05
CA ILE B 326 -13.71 24.75 -14.70
C ILE B 326 -12.57 24.69 -13.69
N GLU B 327 -12.04 23.50 -13.45
CA GLU B 327 -10.96 23.33 -12.49
C GLU B 327 -9.54 23.43 -13.05
N THR B 328 -8.76 24.30 -12.45
CA THR B 328 -7.35 24.48 -12.82
C THR B 328 -6.64 24.47 -11.48
N ARG B 329 -5.32 24.30 -11.48
CA ARG B 329 -4.59 24.25 -10.23
C ARG B 329 -3.20 24.82 -10.39
N PRO B 330 -2.56 25.19 -9.27
CA PRO B 330 -1.21 25.74 -9.32
C PRO B 330 -0.28 24.56 -9.59
N LEU B 331 0.97 24.85 -9.93
CA LEU B 331 1.94 23.79 -10.17
C LEU B 331 2.38 23.25 -8.80
N TRP B 332 3.15 22.17 -8.82
CA TRP B 332 3.63 21.59 -7.57
C TRP B 332 4.41 22.64 -6.77
N LYS B 333 4.27 22.61 -5.45
CA LYS B 333 5.01 23.54 -4.59
C LYS B 333 6.23 22.76 -4.09
N ALA B 334 7.41 23.19 -4.53
CA ALA B 334 8.68 22.54 -4.22
C ALA B 334 8.90 22.06 -2.79
N MET B 335 9.55 20.90 -2.66
CA MET B 335 9.82 20.31 -1.36
C MET B 335 10.68 21.18 -0.45
N HIS B 336 11.57 21.98 -1.04
CA HIS B 336 12.44 22.84 -0.21
C HIS B 336 11.70 24.00 0.44
N THR B 337 10.38 24.07 0.27
CA THR B 337 9.58 25.14 0.88
C THR B 337 8.56 24.53 1.84
N GLN B 338 8.69 23.21 2.07
CA GLN B 338 7.76 22.48 2.92
C GLN B 338 8.26 22.26 4.35
N GLU B 339 7.39 22.52 5.32
CA GLU B 339 7.72 22.36 6.74
C GLU B 339 8.19 20.95 7.07
N VAL B 340 7.61 19.95 6.44
CA VAL B 340 7.98 18.57 6.70
C VAL B 340 9.47 18.29 6.51
N PHE B 341 10.13 19.04 5.63
CA PHE B 341 11.55 18.82 5.39
C PHE B 341 12.46 19.86 6.04
N LYS B 342 11.92 20.53 7.05
CA LYS B 342 12.68 21.53 7.80
C LYS B 342 14.05 20.98 8.17
N GLY B 343 15.09 21.76 7.92
CA GLY B 343 16.44 21.35 8.26
C GLY B 343 17.22 20.67 7.14
N ALA B 344 16.50 20.03 6.21
CA ALA B 344 17.15 19.34 5.11
C ALA B 344 17.85 20.32 4.17
N LYS B 345 18.88 19.84 3.48
CA LYS B 345 19.63 20.68 2.57
C LYS B 345 18.99 20.74 1.18
N ALA B 346 19.07 21.92 0.56
CA ALA B 346 18.52 22.10 -0.78
C ALA B 346 19.38 23.05 -1.60
N TYR B 347 19.67 22.67 -2.85
CA TYR B 347 20.47 23.49 -3.77
C TYR B 347 19.49 24.13 -4.74
N LEU B 348 19.47 25.46 -4.77
CA LEU B 348 18.52 26.19 -5.58
C LEU B 348 19.08 27.17 -6.61
N ASN B 349 18.23 27.55 -7.56
CA ASN B 349 18.58 28.53 -8.57
C ASN B 349 17.37 29.44 -8.76
N GLY B 350 16.34 29.19 -7.96
CA GLY B 350 15.12 30.00 -7.99
C GLY B 350 14.05 29.61 -9.01
N ASN B 351 14.33 28.63 -9.85
CA ASN B 351 13.38 28.25 -10.88
C ASN B 351 12.09 27.59 -10.43
N SER B 352 12.15 26.61 -9.54
CA SER B 352 10.92 25.95 -9.12
C SER B 352 9.97 26.90 -8.40
N GLU B 353 10.51 27.89 -7.70
CA GLU B 353 9.65 28.85 -7.00
C GLU B 353 9.02 29.81 -8.01
N LEU B 354 9.79 30.17 -9.04
CA LEU B 354 9.31 31.06 -10.08
C LEU B 354 8.19 30.38 -10.87
N PHE B 355 8.38 29.11 -11.19
CA PHE B 355 7.37 28.34 -11.93
C PHE B 355 6.09 28.24 -11.11
N PHE B 356 6.24 28.10 -9.80
CA PHE B 356 5.06 28.01 -8.95
C PHE B 356 4.29 29.33 -8.97
N GLN B 357 4.99 30.45 -8.89
CA GLN B 357 4.29 31.72 -8.88
C GLN B 357 3.62 32.10 -10.19
N LYS B 358 4.21 31.72 -11.32
CA LYS B 358 3.65 32.07 -12.62
C LYS B 358 3.00 30.93 -13.41
N GLY B 359 2.98 29.73 -12.83
CA GLY B 359 2.42 28.60 -13.56
C GLY B 359 0.96 28.23 -13.31
N ILE B 360 0.40 27.50 -14.26
CA ILE B 360 -0.98 27.05 -14.17
C ILE B 360 -1.09 25.69 -14.85
N CYS B 361 -1.83 24.78 -14.22
CA CYS B 361 -2.06 23.46 -14.76
C CYS B 361 -3.46 23.53 -15.38
N LEU B 362 -3.53 23.29 -16.68
CA LEU B 362 -4.78 23.37 -17.44
C LEU B 362 -5.55 22.06 -17.61
N PRO B 363 -6.87 22.16 -17.88
CA PRO B 363 -7.69 20.96 -18.07
C PRO B 363 -7.07 20.16 -19.21
N SER B 364 -6.85 18.86 -19.01
CA SER B 364 -6.22 18.06 -20.05
C SER B 364 -6.91 16.74 -20.36
N GLY B 365 -8.21 16.67 -20.10
CA GLY B 365 -8.95 15.44 -20.38
C GLY B 365 -8.92 15.11 -21.85
N THR B 366 -8.61 13.86 -22.19
CA THR B 366 -8.52 13.45 -23.59
C THR B 366 -9.85 13.47 -24.35
N ALA B 367 -10.96 13.58 -23.63
CA ALA B 367 -12.27 13.63 -24.27
C ALA B 367 -12.56 15.03 -24.82
N MET B 368 -11.70 15.98 -24.47
CA MET B 368 -11.85 17.36 -24.91
C MET B 368 -11.62 17.53 -26.41
N SER B 369 -12.49 18.32 -27.05
CA SER B 369 -12.37 18.58 -28.48
C SER B 369 -11.64 19.91 -28.65
N LYS B 370 -11.20 20.19 -29.87
CA LYS B 370 -10.49 21.43 -30.15
C LYS B 370 -11.35 22.62 -29.75
N ASP B 371 -12.66 22.51 -29.93
CA ASP B 371 -13.57 23.58 -29.57
C ASP B 371 -13.61 23.78 -28.07
N ASP B 372 -13.62 22.68 -27.32
CA ASP B 372 -13.66 22.76 -25.88
C ASP B 372 -12.43 23.51 -25.35
N VAL B 373 -11.28 23.23 -25.96
CA VAL B 373 -10.04 23.88 -25.56
C VAL B 373 -10.07 25.34 -25.96
N TYR B 374 -10.69 25.62 -27.10
CA TYR B 374 -10.81 26.98 -27.60
C TYR B 374 -11.66 27.80 -26.61
N GLU B 375 -12.78 27.23 -26.21
CA GLU B 375 -13.68 27.89 -25.26
C GLU B 375 -12.99 28.15 -23.94
N ILE B 376 -12.28 27.15 -23.43
CA ILE B 376 -11.57 27.31 -22.16
C ILE B 376 -10.54 28.43 -22.33
N SER B 377 -9.83 28.41 -23.45
CA SER B 377 -8.82 29.42 -23.73
C SER B 377 -9.42 30.82 -23.77
N LYS B 378 -10.65 30.93 -24.28
CA LYS B 378 -11.30 32.23 -24.35
C LYS B 378 -11.58 32.76 -22.95
N LEU B 379 -12.08 31.89 -22.08
CA LEU B 379 -12.38 32.29 -20.71
C LEU B 379 -11.08 32.72 -20.03
N ILE B 380 -9.99 32.02 -20.36
CA ILE B 380 -8.68 32.34 -19.80
C ILE B 380 -8.24 33.73 -20.24
N LEU B 381 -8.31 33.98 -21.54
CA LEU B 381 -7.91 35.27 -22.10
C LEU B 381 -8.77 36.40 -21.53
N LYS B 382 -10.04 36.12 -21.28
CA LYS B 382 -10.93 37.13 -20.71
C LYS B 382 -10.49 37.45 -19.29
N SER B 383 -10.18 36.41 -18.52
CA SER B 383 -9.75 36.55 -17.14
C SER B 383 -8.48 37.39 -16.99
N ILE B 384 -7.51 37.16 -17.85
CA ILE B 384 -6.25 37.91 -17.78
C ILE B 384 -6.30 39.22 -18.55
N LYS B 385 -7.45 39.49 -19.15
CA LYS B 385 -7.65 40.71 -19.93
C LYS B 385 -6.73 40.73 -21.14
#